data_1J3J
#
_entry.id   1J3J
#
_cell.length_a   56.343
_cell.length_b   154.999
_cell.length_c   164.001
_cell.angle_alpha   90.00
_cell.angle_beta   90.00
_cell.angle_gamma   90.00
#
_symmetry.space_group_name_H-M   'P 21 21 21'
#
loop_
_entity.id
_entity.type
_entity.pdbx_description
1 polymer 'Bifunctional dihydrofolate reductase-thymidylate synthase'
2 polymer 'Bifunctional dihydrofolate reductase-thymidylate synthase'
3 non-polymer 5-(4-CHLORO-PHENYL)-6-ETHYL-PYRIMIDINE-2,4-DIAMINE
4 non-polymer 'NADPH DIHYDRO-NICOTINAMIDE-ADENINE-DINUCLEOTIDE PHOSPHATE'
5 non-polymer "2'-DEOXYURIDINE 5'-MONOPHOSPHATE"
6 water water
#
loop_
_entity_poly.entity_id
_entity_poly.type
_entity_poly.pdbx_seq_one_letter_code
_entity_poly.pdbx_strand_id
1 'polypeptide(L)'
;MMEQVCDVFDIYAICACCKVESKNEGKKNEVFNNYTFRGLGNKGVLPWKCNSLDMKYFRAVTTYVNESKYEKLKYKRCKY
LNKETVDNVNDMPNSKKLQNVVVMGRTNWESIPKKFKPLSNRINVILSRTLKKEDFDEDVYIINKVEDLIVLLGKLNYYK
CFIIGGSVVYQEFLEKKLIKKIYFTRINSTYECDVFFPEINENEYQIISVSDVYTSNNTTLDFIIYKKTNNKMLNEQNCI
KGEEKNNDMPLKNDDKDTCHMKKLTEFYKNVDKYKINYEN
;
A,B
2 'polypeptide(L)'
;DDDDEEEDDFVYFNFNKEKEEKNKNSIHPNDFQIYNSLKYKYHPEYQYLNIIYDIMMNGNKQSDRTGVGVLSKFGYIMKF
DLSQYFPLLTTKKLFLRGIIEELLWFIRGETNGNTLLNKNVRIWEANGTREFLDNRKLFHREVNDLGPIYGFQWRHFGAE
YTNMYDNYENKGVDQLKNIINLIKNDPTSRRILLCAWNVKDLDQMALPPCHILCQFYVFDGKLSCIMYQRSCDLGLGVPF
NIASYSIFTHMIAQVCNLQPAQFIHVLGNAHVYNNHIDSLKIQLNRIPYPFPTLKLNPDIKNIEDFTISDFTIQNYVHHE
KISMDMAA
;
C,D
#
# COMPACT_ATOMS: atom_id res chain seq x y z
N MET A 1 30.89 0.51 -29.86
CA MET A 1 30.74 1.53 -28.76
C MET A 1 32.05 2.25 -28.41
N MET A 2 31.94 3.56 -28.18
CA MET A 2 33.05 4.43 -27.83
C MET A 2 33.02 4.66 -26.33
N GLU A 3 33.81 3.86 -25.61
CA GLU A 3 33.89 3.93 -24.16
C GLU A 3 34.43 5.24 -23.57
N GLN A 4 33.57 5.88 -22.75
CA GLN A 4 33.86 7.13 -22.08
C GLN A 4 34.43 6.84 -20.69
N VAL A 5 35.56 7.47 -20.38
CA VAL A 5 36.24 7.31 -19.11
C VAL A 5 35.35 7.25 -17.86
N CYS A 6 34.38 8.15 -17.76
CA CYS A 6 33.49 8.16 -16.59
C CYS A 6 32.77 6.84 -16.36
N ASP A 7 32.52 6.09 -17.43
CA ASP A 7 31.83 4.81 -17.33
C ASP A 7 32.74 3.66 -16.96
N VAL A 8 33.89 3.59 -17.59
CA VAL A 8 34.83 2.51 -17.31
C VAL A 8 35.32 2.51 -15.87
N PHE A 9 35.67 3.69 -15.38
CA PHE A 9 36.16 3.85 -14.04
C PHE A 9 35.18 4.22 -12.95
N ASP A 10 33.91 4.35 -13.31
CA ASP A 10 32.85 4.68 -12.38
C ASP A 10 33.17 5.85 -11.47
N ILE A 11 33.32 7.02 -12.08
CA ILE A 11 33.63 8.24 -11.35
C ILE A 11 32.32 8.93 -11.09
N TYR A 12 32.00 9.11 -9.81
CA TYR A 12 30.76 9.75 -9.38
C TYR A 12 31.11 10.96 -8.55
N ALA A 13 30.15 11.87 -8.40
CA ALA A 13 30.34 13.08 -7.60
C ALA A 13 29.27 13.07 -6.53
N ILE A 14 29.61 13.56 -5.35
CA ILE A 14 28.65 13.59 -4.27
C ILE A 14 28.86 14.90 -3.53
N CYS A 15 27.76 15.61 -3.31
CA CYS A 15 27.85 16.91 -2.65
C CYS A 15 26.60 17.21 -1.84
N ALA A 16 26.65 18.34 -1.13
CA ALA A 16 25.56 18.82 -0.29
C ALA A 16 25.46 20.31 -0.60
N CYS A 17 24.25 20.81 -0.81
CA CYS A 17 24.12 22.23 -1.11
C CYS A 17 22.92 22.86 -0.43
N CYS A 18 23.12 24.03 0.15
CA CYS A 18 22.05 24.74 0.83
C CYS A 18 21.60 25.93 -0.02
N LYS A 19 20.66 26.71 0.50
CA LYS A 19 20.19 27.87 -0.24
C LYS A 19 21.09 29.06 0.10
N VAL A 20 21.34 29.88 -0.90
CA VAL A 20 22.19 31.04 -0.74
C VAL A 20 21.48 32.23 -0.15
N GLU A 21 22.29 33.07 0.49
CA GLU A 21 21.77 34.26 1.09
C GLU A 21 21.54 35.26 0.00
N SER A 22 20.26 35.45 -0.22
CA SER A 22 19.85 36.36 -1.21
C SER A 22 19.82 37.81 -0.79
N LYS A 23 19.96 38.60 -1.83
CA LYS A 23 19.97 40.03 -1.73
C LYS A 23 18.49 40.10 -2.02
N ASN A 24 17.63 39.74 -1.07
CA ASN A 24 16.22 39.84 -1.41
C ASN A 24 16.11 41.29 -1.92
N GLU A 25 15.73 41.36 -3.22
CA GLU A 25 15.55 42.61 -3.98
C GLU A 25 14.17 43.33 -3.94
N GLY A 26 13.23 42.79 -3.17
CA GLY A 26 11.90 43.35 -3.02
C GLY A 26 10.86 42.46 -3.66
N LYS A 27 11.08 41.16 -3.55
CA LYS A 27 10.18 40.14 -4.11
C LYS A 27 9.96 38.85 -3.32
N LYS A 28 9.17 38.80 -2.26
CA LYS A 28 9.11 37.47 -1.68
C LYS A 28 8.06 36.69 -2.45
N ASN A 29 8.33 36.70 -3.77
CA ASN A 29 7.57 36.07 -4.84
C ASN A 29 8.75 35.55 -5.67
N GLU A 30 9.64 34.93 -4.90
CA GLU A 30 10.87 34.33 -5.37
C GLU A 30 10.60 33.18 -6.32
N VAL A 31 11.50 33.00 -7.27
CA VAL A 31 11.37 31.94 -8.24
C VAL A 31 12.28 30.82 -7.70
N PHE A 32 11.94 29.58 -7.97
CA PHE A 32 12.76 28.48 -7.51
C PHE A 32 13.04 27.48 -8.62
N ASN A 33 14.21 26.84 -8.53
CA ASN A 33 14.63 25.83 -9.50
C ASN A 33 15.73 25.02 -8.82
N ASN A 34 16.30 24.06 -9.53
CA ASN A 34 17.34 23.25 -8.94
C ASN A 34 18.57 24.04 -8.52
N TYR A 35 18.82 25.15 -9.23
CA TYR A 35 19.96 26.00 -8.92
C TYR A 35 19.77 26.74 -7.58
N THR A 36 18.57 26.69 -7.04
CA THR A 36 18.29 27.35 -5.77
C THR A 36 19.20 26.73 -4.69
N PHE A 37 19.58 25.47 -4.88
CA PHE A 37 20.44 24.74 -3.97
C PHE A 37 21.86 24.74 -4.54
N ARG A 38 22.64 25.75 -4.20
CA ARG A 38 24.05 25.84 -4.75
C ARG A 38 25.11 26.21 -3.74
N GLY A 39 24.74 26.39 -2.48
CA GLY A 39 25.76 26.78 -1.53
C GLY A 39 26.62 25.59 -1.08
N LEU A 40 27.93 25.60 -1.35
CA LEU A 40 28.81 24.51 -0.96
C LEU A 40 29.59 24.81 0.31
N GLY A 41 30.14 26.01 0.41
CA GLY A 41 30.88 26.32 1.61
C GLY A 41 30.99 27.78 1.96
N ASN A 42 31.48 28.03 3.17
CA ASN A 42 31.65 29.38 3.64
C ASN A 42 32.89 29.49 4.52
N LYS A 43 33.81 30.34 4.11
CA LYS A 43 35.06 30.57 4.84
C LYS A 43 35.76 29.25 5.19
N GLY A 44 35.98 28.43 4.17
CA GLY A 44 36.65 27.16 4.41
C GLY A 44 35.86 26.00 4.99
N VAL A 45 34.64 26.24 5.47
CA VAL A 45 33.87 25.15 6.02
C VAL A 45 32.44 25.05 5.49
N LEU A 46 31.66 24.11 6.04
CA LEU A 46 30.29 23.96 5.58
C LEU A 46 29.45 25.15 6.04
N PRO A 47 28.59 25.68 5.15
CA PRO A 47 27.74 26.82 5.48
C PRO A 47 26.89 26.59 6.70
N TRP A 48 26.55 25.32 6.96
CA TRP A 48 25.72 24.94 8.10
C TRP A 48 26.41 24.23 9.25
N LYS A 49 27.74 24.29 9.33
CA LYS A 49 28.45 23.63 10.43
C LYS A 49 28.52 22.13 10.24
N CYS A 50 27.45 21.47 10.69
CA CYS A 50 27.32 20.03 10.61
C CYS A 50 25.87 19.60 10.43
N ASN A 51 25.70 18.45 9.81
CA ASN A 51 24.40 17.88 9.57
C ASN A 51 24.66 16.38 9.71
N SER A 52 24.35 15.83 10.88
CA SER A 52 24.57 14.41 11.12
C SER A 52 23.96 13.46 10.10
N LEU A 53 22.75 13.75 9.65
CA LEU A 53 22.12 12.86 8.68
C LEU A 53 22.87 12.93 7.34
N ASP A 54 23.16 14.12 6.85
CA ASP A 54 23.88 14.21 5.58
C ASP A 54 25.26 13.51 5.74
N MET A 55 25.87 13.72 6.89
CA MET A 55 27.18 13.12 7.20
C MET A 55 27.05 11.62 7.07
N LYS A 56 26.01 11.08 7.73
CA LYS A 56 25.75 9.66 7.73
C LYS A 56 25.52 9.13 6.33
N TYR A 57 24.85 9.91 5.49
CA TYR A 57 24.57 9.53 4.12
C TYR A 57 25.85 9.54 3.30
N PHE A 58 26.63 10.60 3.47
CA PHE A 58 27.90 10.73 2.75
C PHE A 58 28.79 9.54 3.06
N ARG A 59 28.87 9.18 4.33
CA ARG A 59 29.70 8.06 4.72
C ARG A 59 29.22 6.72 4.18
N ALA A 60 27.91 6.46 4.25
CA ALA A 60 27.36 5.22 3.76
C ALA A 60 27.62 5.06 2.25
N VAL A 61 27.38 6.11 1.49
CA VAL A 61 27.60 6.04 0.06
C VAL A 61 29.06 5.86 -0.34
N THR A 62 29.93 6.69 0.21
CA THR A 62 31.35 6.58 -0.13
C THR A 62 32.09 5.35 0.42
N THR A 63 31.52 4.65 1.40
CA THR A 63 32.22 3.47 1.91
C THR A 63 31.58 2.18 1.43
N TYR A 64 30.35 2.24 0.91
CA TYR A 64 29.68 1.04 0.44
C TYR A 64 30.31 0.40 -0.79
N VAL A 65 30.50 -0.91 -0.72
CA VAL A 65 31.08 -1.63 -1.84
C VAL A 65 30.40 -2.99 -1.89
N ASN A 66 30.31 -3.58 -3.08
CA ASN A 66 29.68 -4.89 -3.23
C ASN A 66 30.73 -5.74 -3.95
N GLU A 67 31.39 -6.59 -3.18
CA GLU A 67 32.42 -7.45 -3.72
C GLU A 67 32.00 -8.40 -4.82
N SER A 68 30.76 -8.89 -4.79
CA SER A 68 30.34 -9.80 -5.84
C SER A 68 30.24 -9.08 -7.19
N LYS A 69 30.16 -7.76 -7.16
CA LYS A 69 30.07 -7.00 -8.41
C LYS A 69 31.42 -6.48 -8.86
N TYR A 70 32.46 -6.72 -8.06
CA TYR A 70 33.78 -6.23 -8.45
C TYR A 70 34.37 -6.87 -9.69
N GLU A 71 34.49 -8.20 -9.67
CA GLU A 71 35.06 -8.89 -10.81
C GLU A 71 34.53 -8.42 -12.15
N LYS A 72 33.24 -8.08 -12.19
CA LYS A 72 32.65 -7.60 -13.43
C LYS A 72 33.30 -6.27 -13.80
N LEU A 73 33.53 -5.43 -12.80
CA LEU A 73 34.15 -4.12 -13.02
C LEU A 73 35.61 -4.28 -13.40
N LYS A 74 36.24 -5.27 -12.79
CA LYS A 74 37.64 -5.57 -13.03
C LYS A 74 37.86 -5.92 -14.51
N TYR A 75 37.14 -6.93 -14.99
CA TYR A 75 37.26 -7.34 -16.38
C TYR A 75 37.06 -6.16 -17.33
N LYS A 76 36.08 -5.31 -17.04
CA LYS A 76 35.77 -4.14 -17.85
C LYS A 76 36.86 -3.11 -17.92
N ARG A 77 37.36 -2.68 -16.76
CA ARG A 77 38.43 -1.68 -16.71
C ARG A 77 39.68 -2.24 -17.39
N CYS A 78 39.97 -3.50 -17.11
CA CYS A 78 41.14 -4.14 -17.69
C CYS A 78 40.96 -4.30 -19.21
N LYS A 79 39.74 -4.63 -19.64
CA LYS A 79 39.46 -4.80 -21.06
C LYS A 79 39.72 -3.48 -21.80
N TYR A 80 39.27 -2.38 -21.21
CA TYR A 80 39.45 -1.05 -21.80
C TYR A 80 40.92 -0.64 -21.90
N LEU A 81 41.73 -1.07 -20.94
CA LEU A 81 43.15 -0.75 -20.93
C LEU A 81 43.95 -1.77 -21.73
N ASN A 82 43.24 -2.76 -22.29
CA ASN A 82 43.82 -3.85 -23.08
C ASN A 82 44.69 -4.74 -22.19
N LYS A 83 44.43 -4.64 -20.90
CA LYS A 83 45.10 -5.37 -19.83
C LYS A 83 44.28 -6.58 -19.41
N GLU A 84 44.67 -7.77 -19.85
CA GLU A 84 43.89 -8.94 -19.44
C GLU A 84 44.78 -10.01 -18.82
N THR A 85 44.19 -11.15 -18.44
CA THR A 85 44.94 -12.25 -17.83
C THR A 85 44.16 -13.56 -17.90
N LYS A 96 43.30 -5.84 2.89
CA LYS A 96 42.95 -6.49 1.60
C LYS A 96 41.47 -6.36 1.23
N LYS A 97 40.71 -5.58 2.00
CA LYS A 97 39.29 -5.39 1.75
C LYS A 97 39.05 -4.35 0.64
N LEU A 98 38.03 -4.58 -0.19
CA LEU A 98 37.71 -3.67 -1.29
C LEU A 98 37.24 -2.31 -0.76
N GLN A 99 37.70 -1.25 -1.41
CA GLN A 99 37.33 0.09 -0.99
C GLN A 99 37.04 0.99 -2.16
N ASN A 100 36.40 2.12 -1.84
CA ASN A 100 36.06 3.10 -2.85
C ASN A 100 37.15 4.15 -2.75
N VAL A 101 37.20 5.01 -3.75
CA VAL A 101 38.19 6.05 -3.74
C VAL A 101 37.44 7.38 -3.56
N VAL A 102 38.06 8.34 -2.88
CA VAL A 102 37.43 9.63 -2.68
C VAL A 102 38.49 10.63 -3.12
N VAL A 103 38.11 11.54 -4.00
CA VAL A 103 39.02 12.53 -4.51
C VAL A 103 38.55 13.87 -4.04
N MET A 104 39.43 14.66 -3.45
CA MET A 104 39.05 15.97 -2.95
C MET A 104 40.10 17.03 -3.24
N GLY A 105 39.69 18.30 -3.17
CA GLY A 105 40.62 19.39 -3.41
C GLY A 105 41.39 19.59 -2.11
N ARG A 106 42.46 20.37 -2.15
CA ARG A 106 43.24 20.60 -0.95
C ARG A 106 42.49 21.33 0.14
N THR A 107 41.65 22.29 -0.22
CA THR A 107 40.93 23.03 0.82
C THR A 107 39.93 22.11 1.55
N ASN A 108 39.33 21.18 0.81
CA ASN A 108 38.39 20.26 1.42
C ASN A 108 39.20 19.44 2.42
N TRP A 109 40.37 18.97 1.99
CA TRP A 109 41.21 18.18 2.87
C TRP A 109 41.50 18.87 4.19
N GLU A 110 41.93 20.13 4.10
CA GLU A 110 42.25 20.92 5.26
C GLU A 110 41.05 21.27 6.13
N SER A 111 39.86 21.17 5.57
CA SER A 111 38.67 21.47 6.35
C SER A 111 38.27 20.28 7.23
N ILE A 112 38.92 19.13 7.06
CA ILE A 112 38.57 17.97 7.87
C ILE A 112 39.32 17.92 9.20
N PRO A 113 38.60 17.65 10.31
CA PRO A 113 39.23 17.55 11.64
C PRO A 113 40.30 16.46 11.59
N LYS A 114 41.35 16.62 12.39
CA LYS A 114 42.44 15.64 12.41
C LYS A 114 41.97 14.23 12.76
N LYS A 115 41.06 14.11 13.70
CA LYS A 115 40.56 12.80 14.10
C LYS A 115 39.87 12.05 12.97
N PHE A 116 39.48 12.75 11.91
CA PHE A 116 38.80 12.12 10.77
C PHE A 116 39.60 11.93 9.49
N LYS A 117 40.86 12.34 9.48
CA LYS A 117 41.72 12.21 8.31
C LYS A 117 42.73 11.10 8.50
N PRO A 118 42.93 10.25 7.49
CA PRO A 118 42.22 10.31 6.20
C PRO A 118 40.82 9.73 6.42
N LEU A 119 39.91 9.89 5.47
CA LEU A 119 38.56 9.36 5.65
C LEU A 119 38.65 7.85 5.84
N SER A 120 38.07 7.37 6.93
CA SER A 120 38.10 5.94 7.24
C SER A 120 37.51 5.02 6.20
N ASN A 121 38.15 3.86 6.02
CA ASN A 121 37.73 2.84 5.07
C ASN A 121 37.61 3.20 3.62
N ARG A 122 38.32 4.26 3.23
CA ARG A 122 38.31 4.72 1.84
C ARG A 122 39.72 5.11 1.42
N ILE A 123 39.98 4.98 0.12
CA ILE A 123 41.28 5.33 -0.42
C ILE A 123 41.18 6.81 -0.69
N ASN A 124 41.92 7.63 0.06
CA ASN A 124 41.91 9.09 -0.10
C ASN A 124 42.87 9.68 -1.14
N VAL A 125 42.34 10.45 -2.09
CA VAL A 125 43.15 11.07 -3.14
C VAL A 125 42.95 12.58 -3.05
N ILE A 126 44.04 13.34 -3.04
CA ILE A 126 43.93 14.79 -2.95
C ILE A 126 44.53 15.47 -4.17
N LEU A 127 43.81 16.48 -4.70
CA LEU A 127 44.29 17.24 -5.87
C LEU A 127 44.95 18.53 -5.39
N SER A 128 46.18 18.76 -5.81
CA SER A 128 46.91 19.96 -5.41
C SER A 128 48.20 20.23 -6.19
N ARG A 129 48.62 21.49 -6.22
CA ARG A 129 49.84 21.87 -6.91
C ARG A 129 50.81 22.41 -5.86
N THR A 130 50.28 23.19 -4.92
CA THR A 130 51.12 23.77 -3.88
C THR A 130 51.64 22.73 -2.89
N LEU A 131 51.03 21.54 -2.90
CA LEU A 131 51.46 20.49 -1.99
C LEU A 131 51.89 19.20 -2.71
N LYS A 132 52.82 18.49 -2.07
CA LYS A 132 53.35 17.25 -2.61
C LYS A 132 53.36 16.17 -1.52
N LYS A 133 53.58 14.92 -1.89
CA LYS A 133 53.59 13.83 -0.91
C LYS A 133 54.36 14.14 0.37
N GLU A 134 55.45 14.89 0.24
CA GLU A 134 56.25 15.24 1.40
C GLU A 134 55.54 16.16 2.38
N ASP A 135 54.54 16.91 1.93
CA ASP A 135 53.85 17.81 2.84
C ASP A 135 52.81 17.10 3.71
N PHE A 136 52.60 15.81 3.46
CA PHE A 136 51.62 15.05 4.23
C PHE A 136 52.18 13.87 5.00
N ASP A 137 51.63 13.68 6.20
CA ASP A 137 52.01 12.58 7.09
C ASP A 137 51.08 11.37 6.81
N GLU A 138 49.84 11.68 6.44
CA GLU A 138 48.82 10.68 6.16
C GLU A 138 48.92 9.75 4.97
N ASP A 139 48.21 8.64 5.10
CA ASP A 139 48.15 7.61 4.08
C ASP A 139 47.17 8.12 3.05
N VAL A 140 47.68 8.92 2.13
CA VAL A 140 46.84 9.49 1.09
C VAL A 140 47.64 9.61 -0.20
N TYR A 141 46.95 9.75 -1.32
CA TYR A 141 47.64 9.90 -2.60
C TYR A 141 47.52 11.37 -2.99
N ILE A 142 48.63 11.95 -3.44
CA ILE A 142 48.64 13.34 -3.86
C ILE A 142 48.83 13.33 -5.38
N ILE A 143 47.92 13.95 -6.12
CA ILE A 143 48.05 14.00 -7.58
C ILE A 143 47.92 15.46 -7.98
N ASN A 144 48.61 15.89 -9.03
CA ASN A 144 48.48 17.29 -9.39
C ASN A 144 47.70 17.60 -10.65
N LYS A 145 47.00 16.61 -11.20
CA LYS A 145 46.21 16.81 -12.41
C LYS A 145 45.18 15.71 -12.52
N VAL A 146 44.11 16.00 -13.25
CA VAL A 146 43.05 15.03 -13.44
C VAL A 146 43.56 13.77 -14.14
N GLU A 147 44.46 13.93 -15.10
CA GLU A 147 45.00 12.80 -15.84
C GLU A 147 45.64 11.80 -14.86
N ASP A 148 46.28 12.31 -13.83
CA ASP A 148 46.91 11.42 -12.86
C ASP A 148 45.91 10.52 -12.16
N LEU A 149 44.69 10.98 -11.98
CA LEU A 149 43.67 10.17 -11.31
C LEU A 149 43.35 8.96 -12.15
N ILE A 150 43.09 9.19 -13.43
CA ILE A 150 42.75 8.12 -14.36
C ILE A 150 43.88 7.09 -14.38
N VAL A 151 45.11 7.57 -14.32
CA VAL A 151 46.25 6.67 -14.33
C VAL A 151 46.21 5.89 -13.02
N LEU A 152 45.98 6.59 -11.91
CA LEU A 152 45.93 5.95 -10.61
C LEU A 152 44.83 4.90 -10.54
N LEU A 153 43.65 5.20 -11.08
CA LEU A 153 42.54 4.26 -11.05
C LEU A 153 42.78 3.00 -11.88
N GLY A 154 43.65 3.09 -12.87
CA GLY A 154 43.93 1.94 -13.71
C GLY A 154 44.93 1.00 -13.05
N LYS A 155 45.49 1.43 -11.92
CA LYS A 155 46.46 0.64 -11.19
C LYS A 155 45.93 0.18 -9.83
N LEU A 156 44.82 0.75 -9.39
CA LEU A 156 44.27 0.36 -8.10
C LEU A 156 43.10 -0.60 -8.18
N ASN A 157 42.85 -1.25 -7.05
CA ASN A 157 41.75 -2.20 -6.89
C ASN A 157 40.80 -1.38 -6.05
N TYR A 158 39.69 -0.95 -6.64
CA TYR A 158 38.72 -0.16 -5.91
C TYR A 158 37.37 -0.38 -6.53
N TYR A 159 36.32 -0.19 -5.74
CA TYR A 159 34.95 -0.38 -6.20
C TYR A 159 34.46 0.80 -7.05
N LYS A 160 34.29 1.97 -6.43
CA LYS A 160 33.82 3.15 -7.14
C LYS A 160 34.65 4.38 -6.74
N CYS A 161 34.65 5.39 -7.61
CA CYS A 161 35.40 6.60 -7.33
C CYS A 161 34.49 7.81 -7.13
N PHE A 162 34.53 8.38 -5.94
CA PHE A 162 33.70 9.55 -5.63
C PHE A 162 34.47 10.86 -5.51
N ILE A 163 34.00 11.87 -6.24
CA ILE A 163 34.60 13.21 -6.23
C ILE A 163 33.81 13.89 -5.11
N ILE A 164 34.48 14.26 -4.02
CA ILE A 164 33.78 14.90 -2.89
C ILE A 164 33.93 16.40 -2.69
N GLY A 165 34.47 17.11 -3.68
CA GLY A 165 34.62 18.55 -3.53
C GLY A 165 36.05 19.03 -3.42
N GLY A 166 36.29 20.35 -3.36
CA GLY A 166 35.26 21.35 -3.39
C GLY A 166 34.77 21.84 -4.73
N SER A 167 34.24 23.07 -4.78
CA SER A 167 33.72 23.64 -6.03
C SER A 167 34.69 23.56 -7.21
N VAL A 168 35.92 23.98 -7.00
CA VAL A 168 36.92 23.94 -8.07
C VAL A 168 37.02 22.53 -8.63
N VAL A 169 37.22 21.56 -7.74
CA VAL A 169 37.34 20.17 -8.17
C VAL A 169 36.07 19.71 -8.91
N TYR A 170 34.90 20.07 -8.38
CA TYR A 170 33.64 19.69 -9.02
C TYR A 170 33.57 20.27 -10.41
N GLN A 171 33.79 21.56 -10.51
CA GLN A 171 33.76 22.26 -11.79
C GLN A 171 34.58 21.62 -12.91
N GLU A 172 35.83 21.28 -12.64
CA GLU A 172 36.63 20.68 -13.71
C GLU A 172 36.24 19.25 -14.06
N PHE A 173 35.81 18.48 -13.07
CA PHE A 173 35.43 17.11 -13.38
C PHE A 173 34.17 17.11 -14.25
N LEU A 174 33.30 18.10 -14.04
CA LEU A 174 32.07 18.19 -14.83
C LEU A 174 32.47 18.72 -16.20
N GLU A 175 33.43 19.64 -16.22
CA GLU A 175 33.92 20.23 -17.47
C GLU A 175 34.43 19.11 -18.37
N LYS A 176 35.39 18.38 -17.83
CA LYS A 176 36.02 17.28 -18.56
C LYS A 176 35.04 16.15 -18.90
N LYS A 177 33.83 16.27 -18.39
CA LYS A 177 32.76 15.29 -18.62
C LYS A 177 33.12 13.90 -18.13
N LEU A 178 33.60 13.89 -16.89
CA LEU A 178 34.02 12.68 -16.18
C LEU A 178 33.09 12.12 -15.07
N ILE A 179 31.94 12.78 -14.87
CA ILE A 179 30.99 12.36 -13.85
C ILE A 179 29.84 11.54 -14.43
N LYS A 180 29.65 10.34 -13.90
CA LYS A 180 28.60 9.44 -14.36
C LYS A 180 27.26 9.77 -13.71
N LYS A 181 27.30 10.15 -12.44
CA LYS A 181 26.11 10.51 -11.66
C LYS A 181 26.49 11.50 -10.56
N ILE A 182 25.51 12.25 -10.05
CA ILE A 182 25.76 13.22 -8.99
C ILE A 182 24.79 12.96 -7.83
N TYR A 183 25.31 12.60 -6.67
CA TYR A 183 24.47 12.34 -5.50
C TYR A 183 24.48 13.72 -4.88
N PHE A 184 23.33 14.37 -4.98
CA PHE A 184 23.15 15.73 -4.48
C PHE A 184 22.24 15.85 -3.26
N THR A 185 22.74 16.47 -2.20
CA THR A 185 21.93 16.64 -1.01
C THR A 185 21.38 18.04 -0.98
N ARG A 186 20.07 18.15 -0.89
CA ARG A 186 19.47 19.46 -0.85
C ARG A 186 19.17 19.81 0.61
N ILE A 187 19.97 20.70 1.19
CA ILE A 187 19.80 21.12 2.57
C ILE A 187 18.79 22.26 2.45
N ASN A 188 17.56 22.03 2.89
CA ASN A 188 16.54 23.06 2.78
C ASN A 188 16.52 24.25 3.75
N SER A 189 17.63 24.97 3.79
CA SER A 189 17.75 26.15 4.64
C SER A 189 18.75 27.10 4.01
N THR A 190 18.79 28.33 4.51
CA THR A 190 19.68 29.35 3.99
C THR A 190 20.82 29.71 4.92
N TYR A 191 22.03 29.79 4.37
CA TYR A 191 23.21 30.14 5.16
C TYR A 191 24.13 31.03 4.34
N GLU A 192 25.05 31.70 5.02
CA GLU A 192 26.02 32.56 4.36
C GLU A 192 26.98 31.65 3.58
N CYS A 193 27.23 31.98 2.31
CA CYS A 193 28.13 31.17 1.49
C CYS A 193 29.09 32.02 0.68
N ASP A 194 30.26 31.48 0.37
CA ASP A 194 31.24 32.22 -0.42
C ASP A 194 31.77 31.34 -1.56
N VAL A 195 31.36 30.06 -1.58
CA VAL A 195 31.77 29.10 -2.61
C VAL A 195 30.49 28.36 -3.02
N PHE A 196 30.33 28.10 -4.32
CA PHE A 196 29.13 27.44 -4.80
C PHE A 196 29.35 26.30 -5.78
N PHE A 197 28.35 25.43 -5.87
CA PHE A 197 28.38 24.29 -6.75
C PHE A 197 28.02 24.85 -8.12
N PRO A 198 28.65 24.37 -9.18
CA PRO A 198 28.39 24.83 -10.55
C PRO A 198 26.94 24.56 -10.97
N GLU A 199 26.40 25.42 -11.82
CA GLU A 199 25.02 25.23 -12.28
C GLU A 199 25.02 24.01 -13.19
N ILE A 200 24.17 23.03 -12.89
CA ILE A 200 24.12 21.84 -13.70
C ILE A 200 23.34 22.05 -14.98
N ASN A 201 23.97 21.75 -16.12
CA ASN A 201 23.37 21.90 -17.44
C ASN A 201 22.28 20.83 -17.52
N GLU A 202 21.02 21.24 -17.41
CA GLU A 202 19.91 20.28 -17.47
C GLU A 202 19.90 19.42 -18.74
N ASN A 203 20.64 19.84 -19.76
CA ASN A 203 20.70 19.08 -21.00
C ASN A 203 21.73 17.97 -20.90
N GLU A 204 22.66 18.12 -19.96
CA GLU A 204 23.70 17.12 -19.75
C GLU A 204 23.37 16.16 -18.61
N TYR A 205 22.62 16.65 -17.61
CA TYR A 205 22.24 15.83 -16.46
C TYR A 205 20.76 15.89 -16.13
N GLN A 206 20.19 14.73 -15.86
CA GLN A 206 18.79 14.63 -15.51
C GLN A 206 18.64 13.91 -14.19
N ILE A 207 17.68 14.35 -13.39
CA ILE A 207 17.42 13.73 -12.10
C ILE A 207 16.67 12.44 -12.39
N ILE A 208 17.14 11.32 -11.81
CA ILE A 208 16.51 10.01 -12.01
C ILE A 208 15.90 9.45 -10.71
N SER A 209 16.26 10.03 -9.58
CA SER A 209 15.74 9.57 -8.30
C SER A 209 15.69 10.67 -7.27
N VAL A 210 14.67 10.58 -6.43
CA VAL A 210 14.39 11.53 -5.36
C VAL A 210 14.11 10.69 -4.10
N SER A 211 14.76 11.02 -2.99
CA SER A 211 14.54 10.26 -1.77
C SER A 211 13.44 10.81 -0.90
N ASP A 212 13.32 10.21 0.27
CA ASP A 212 12.32 10.59 1.27
C ASP A 212 12.88 11.89 1.86
N VAL A 213 12.04 12.70 2.52
CA VAL A 213 12.48 13.96 3.14
C VAL A 213 12.74 13.69 4.62
N TYR A 214 13.76 14.33 5.17
CA TYR A 214 14.09 14.12 6.58
C TYR A 214 14.37 15.43 7.28
N THR A 215 14.51 15.34 8.60
CA THR A 215 14.81 16.51 9.42
C THR A 215 16.06 16.18 10.22
N SER A 216 17.00 17.13 10.28
CA SER A 216 18.24 16.92 11.02
C SER A 216 18.82 18.27 11.31
N ASN A 217 19.25 18.45 12.54
CA ASN A 217 19.84 19.71 12.96
C ASN A 217 19.00 20.93 12.55
N ASN A 218 17.71 20.84 12.85
CA ASN A 218 16.76 21.90 12.56
C ASN A 218 16.58 22.30 11.09
N THR A 219 16.57 21.32 10.21
CA THR A 219 16.38 21.64 8.81
C THR A 219 16.00 20.37 8.10
N THR A 220 15.16 20.52 7.08
CA THR A 220 14.75 19.36 6.31
C THR A 220 15.79 19.23 5.17
N LEU A 221 15.85 18.04 4.59
CA LEU A 221 16.78 17.81 3.50
C LEU A 221 16.35 16.54 2.86
N ASP A 222 16.80 16.31 1.63
CA ASP A 222 16.49 15.10 0.89
C ASP A 222 17.68 14.88 -0.01
N PHE A 223 17.72 13.71 -0.65
CA PHE A 223 18.81 13.34 -1.55
C PHE A 223 18.36 13.01 -2.95
N ILE A 224 18.94 13.66 -3.94
CA ILE A 224 18.53 13.36 -5.30
C ILE A 224 19.73 12.84 -6.08
N ILE A 225 19.45 12.18 -7.19
CA ILE A 225 20.51 11.64 -8.03
C ILE A 225 20.37 12.10 -9.49
N TYR A 226 21.42 12.73 -10.01
CA TYR A 226 21.40 13.19 -11.40
C TYR A 226 22.18 12.16 -12.22
N LYS A 227 21.83 11.97 -13.48
CA LYS A 227 22.55 10.99 -14.30
C LYS A 227 22.86 11.63 -15.64
N LYS A 228 24.05 11.38 -16.17
CA LYS A 228 24.48 11.94 -17.47
C LYS A 228 23.46 11.49 -18.50
N THR A 229 23.05 12.39 -19.39
CA THR A 229 22.05 12.08 -20.43
C THR A 229 22.36 11.42 -21.79
N ASN A 230 21.30 11.32 -22.60
CA ASN A 230 21.29 10.74 -23.95
C ASN A 230 22.06 11.70 -24.87
N ASN A 231 22.85 11.14 -25.79
CA ASN A 231 23.63 11.95 -26.70
C ASN A 231 24.35 13.08 -25.93
N MET B 1 27.85 -28.87 -10.81
CA MET B 1 28.03 -30.26 -11.27
C MET B 1 26.64 -30.86 -11.56
N MET B 2 26.28 -30.75 -12.85
CA MET B 2 24.95 -31.25 -13.40
C MET B 2 24.36 -32.62 -13.78
N GLU B 3 24.14 -33.54 -12.86
CA GLU B 3 23.55 -34.86 -13.27
C GLU B 3 22.14 -35.42 -12.77
N GLN B 4 21.19 -34.59 -12.25
CA GLN B 4 19.88 -35.11 -11.79
C GLN B 4 18.96 -34.48 -12.79
N VAL B 5 18.65 -35.28 -13.81
CA VAL B 5 17.77 -34.93 -14.93
C VAL B 5 16.66 -33.87 -14.83
N CYS B 6 15.79 -34.04 -13.83
CA CYS B 6 14.68 -33.11 -13.59
C CYS B 6 15.14 -31.65 -13.62
N ASP B 7 16.07 -31.32 -12.73
CA ASP B 7 16.60 -29.97 -12.63
C ASP B 7 17.38 -29.75 -13.93
N VAL B 8 18.20 -30.76 -14.22
CA VAL B 8 19.06 -30.78 -15.41
C VAL B 8 18.46 -30.41 -16.75
N PHE B 9 17.53 -31.25 -17.20
CA PHE B 9 16.81 -31.09 -18.47
C PHE B 9 15.53 -30.21 -18.52
N ASP B 10 15.19 -29.56 -17.38
CA ASP B 10 14.00 -28.69 -17.25
C ASP B 10 12.61 -29.28 -17.47
N ILE B 11 12.26 -30.31 -16.70
CA ILE B 11 10.96 -30.96 -16.82
C ILE B 11 10.01 -30.45 -15.73
N TYR B 12 8.84 -29.97 -16.15
CA TYR B 12 7.82 -29.46 -15.25
C TYR B 12 6.49 -30.20 -15.46
N ALA B 13 5.64 -30.20 -14.43
CA ALA B 13 4.34 -30.86 -14.48
C ALA B 13 3.29 -29.79 -14.26
N ILE B 14 2.18 -29.90 -14.96
CA ILE B 14 1.11 -28.94 -14.82
C ILE B 14 -0.23 -29.66 -14.79
N CYS B 15 -1.02 -29.36 -13.77
CA CYS B 15 -2.33 -29.99 -13.63
C CYS B 15 -3.39 -29.06 -13.07
N ALA B 16 -4.61 -29.60 -13.00
CA ALA B 16 -5.75 -28.88 -12.47
C ALA B 16 -6.59 -29.95 -11.79
N CYS B 17 -6.80 -29.83 -10.48
CA CYS B 17 -7.60 -30.82 -9.79
C CYS B 17 -8.77 -30.20 -9.05
N CYS B 18 -9.87 -30.94 -8.94
CA CYS B 18 -11.05 -30.46 -8.24
C CYS B 18 -11.23 -31.33 -7.01
N LYS B 19 -12.30 -31.11 -6.27
CA LYS B 19 -12.55 -31.90 -5.07
C LYS B 19 -13.37 -33.13 -5.48
N VAL B 20 -13.25 -34.21 -4.70
CA VAL B 20 -13.95 -35.46 -4.98
C VAL B 20 -15.21 -35.70 -4.16
N GLU B 21 -16.24 -36.24 -4.79
CA GLU B 21 -17.49 -36.52 -4.07
C GLU B 21 -17.55 -37.95 -3.58
N SER B 22 -17.97 -38.13 -2.34
CA SER B 22 -18.09 -39.45 -1.74
C SER B 22 -19.57 -39.77 -1.51
N LYS B 23 -20.05 -40.88 -2.07
CA LYS B 23 -21.45 -41.28 -1.92
C LYS B 23 -22.01 -41.25 -0.46
N ASN B 24 -21.28 -41.75 0.54
CA ASN B 24 -21.75 -41.75 1.93
C ASN B 24 -22.19 -40.34 2.43
N GLU B 25 -21.42 -39.30 2.10
CA GLU B 25 -21.72 -37.90 2.51
C GLU B 25 -20.92 -37.12 1.47
N GLY B 26 -21.60 -36.29 0.67
CA GLY B 26 -20.85 -35.55 -0.34
C GLY B 26 -20.06 -34.30 -0.03
N LYS B 27 -20.54 -33.49 0.93
CA LYS B 27 -19.79 -32.31 1.19
C LYS B 27 -19.48 -31.93 2.58
N LYS B 28 -18.79 -30.80 2.60
CA LYS B 28 -18.33 -30.13 3.78
C LYS B 28 -17.47 -31.11 4.60
N ASN B 29 -16.32 -31.46 4.03
CA ASN B 29 -15.34 -32.37 4.64
C ASN B 29 -15.03 -31.96 6.08
N GLU B 30 -14.77 -32.92 6.95
CA GLU B 30 -14.48 -32.52 8.30
C GLU B 30 -13.02 -32.07 8.39
N VAL B 31 -12.15 -32.71 7.62
CA VAL B 31 -10.73 -32.34 7.64
C VAL B 31 -10.20 -32.14 6.22
N PHE B 32 -9.58 -30.99 5.99
CA PHE B 32 -9.03 -30.66 4.69
C PHE B 32 -7.52 -30.59 4.72
N ASN B 33 -6.91 -30.67 3.55
CA ASN B 33 -5.47 -30.62 3.39
C ASN B 33 -5.18 -30.55 1.87
N ASN B 34 -3.91 -30.43 1.50
CA ASN B 34 -3.55 -30.34 0.07
C ASN B 34 -4.13 -31.47 -0.79
N TYR B 35 -4.22 -32.67 -0.23
CA TYR B 35 -4.76 -33.82 -0.97
C TYR B 35 -6.25 -33.65 -1.31
N THR B 36 -6.94 -32.72 -0.65
CA THR B 36 -8.35 -32.48 -0.90
C THR B 36 -8.61 -32.30 -2.40
N PHE B 37 -7.67 -31.63 -3.06
CA PHE B 37 -7.74 -31.36 -4.48
C PHE B 37 -7.03 -32.41 -5.33
N ARG B 38 -7.74 -33.49 -5.66
CA ARG B 38 -7.13 -34.54 -6.47
C ARG B 38 -7.93 -35.03 -7.68
N GLY B 39 -9.14 -34.54 -7.87
CA GLY B 39 -9.92 -34.98 -9.02
C GLY B 39 -9.22 -34.58 -10.30
N LEU B 40 -8.89 -35.56 -11.15
CA LEU B 40 -8.22 -35.27 -12.41
C LEU B 40 -9.09 -35.36 -13.66
N GLY B 41 -9.85 -36.44 -13.78
CA GLY B 41 -10.71 -36.60 -14.94
C GLY B 41 -11.83 -37.56 -14.64
N ASN B 42 -12.85 -37.58 -15.50
CA ASN B 42 -13.98 -38.46 -15.32
C ASN B 42 -14.47 -38.91 -16.68
N LYS B 43 -14.41 -40.22 -16.92
CA LYS B 43 -14.83 -40.83 -18.17
C LYS B 43 -14.17 -40.16 -19.37
N GLY B 44 -12.84 -40.20 -19.42
CA GLY B 44 -12.15 -39.58 -20.55
C GLY B 44 -12.10 -38.06 -20.61
N VAL B 45 -12.82 -37.38 -19.73
CA VAL B 45 -12.79 -35.91 -19.73
C VAL B 45 -12.61 -35.25 -18.36
N LEU B 46 -12.49 -33.92 -18.36
CA LEU B 46 -12.32 -33.19 -17.10
C LEU B 46 -13.59 -33.35 -16.27
N PRO B 47 -13.46 -33.49 -14.96
CA PRO B 47 -14.64 -33.65 -14.10
C PRO B 47 -15.59 -32.45 -14.15
N TRP B 48 -15.06 -31.26 -14.47
CA TRP B 48 -15.87 -30.04 -14.54
C TRP B 48 -16.15 -29.60 -15.98
N LYS B 49 -15.81 -30.49 -16.93
CA LYS B 49 -16.01 -30.24 -18.35
C LYS B 49 -15.11 -29.16 -18.94
N CYS B 50 -15.30 -27.92 -18.52
CA CYS B 50 -14.48 -26.82 -19.04
C CYS B 50 -14.43 -25.65 -18.04
N ASN B 51 -13.30 -24.94 -18.09
CA ASN B 51 -13.05 -23.80 -17.24
C ASN B 51 -12.18 -22.91 -18.11
N SER B 52 -12.73 -21.81 -18.63
CA SER B 52 -11.94 -20.93 -19.48
C SER B 52 -10.75 -20.24 -18.81
N LEU B 53 -10.82 -19.93 -17.52
CA LEU B 53 -9.69 -19.28 -16.87
C LEU B 53 -8.51 -20.24 -16.79
N ASP B 54 -8.76 -21.47 -16.37
CA ASP B 54 -7.70 -22.47 -16.26
C ASP B 54 -7.17 -22.84 -17.66
N MET B 55 -8.04 -22.77 -18.66
CA MET B 55 -7.70 -23.06 -20.05
C MET B 55 -6.64 -22.04 -20.47
N LYS B 56 -6.94 -20.79 -20.17
CA LYS B 56 -6.05 -19.68 -20.48
C LYS B 56 -4.72 -19.82 -19.75
N TYR B 57 -4.79 -20.22 -18.50
CA TYR B 57 -3.59 -20.39 -17.68
C TYR B 57 -2.73 -21.50 -18.29
N PHE B 58 -3.35 -22.65 -18.49
CA PHE B 58 -2.68 -23.80 -19.06
C PHE B 58 -1.99 -23.43 -20.36
N ARG B 59 -2.74 -22.82 -21.27
CA ARG B 59 -2.19 -22.41 -22.55
C ARG B 59 -1.05 -21.38 -22.43
N ALA B 60 -1.27 -20.33 -21.63
CA ALA B 60 -0.25 -19.30 -21.45
C ALA B 60 1.06 -19.87 -20.87
N VAL B 61 0.96 -20.81 -19.93
CA VAL B 61 2.14 -21.42 -19.32
C VAL B 61 2.87 -22.38 -20.25
N THR B 62 2.14 -23.22 -20.97
CA THR B 62 2.79 -24.16 -21.86
C THR B 62 3.36 -23.57 -23.16
N THR B 63 2.90 -22.39 -23.54
CA THR B 63 3.41 -21.79 -24.77
C THR B 63 4.39 -20.64 -24.55
N TYR B 64 4.50 -20.16 -23.30
CA TYR B 64 5.41 -19.06 -23.01
C TYR B 64 6.88 -19.44 -23.18
N VAL B 65 7.61 -18.57 -23.86
CA VAL B 65 9.02 -18.80 -24.11
C VAL B 65 9.81 -17.50 -24.06
N ASN B 66 10.95 -17.54 -23.38
CA ASN B 66 11.84 -16.40 -23.23
C ASN B 66 13.11 -16.89 -23.90
N GLU B 67 13.34 -16.43 -25.12
CA GLU B 67 14.53 -16.83 -25.87
C GLU B 67 15.87 -16.36 -25.31
N SER B 68 15.94 -15.14 -24.80
CA SER B 68 17.19 -14.63 -24.24
C SER B 68 17.74 -15.56 -23.15
N LYS B 69 16.87 -16.31 -22.50
CA LYS B 69 17.28 -17.23 -21.44
C LYS B 69 17.41 -18.65 -21.96
N TYR B 70 17.55 -18.81 -23.27
CA TYR B 70 17.67 -20.16 -23.82
C TYR B 70 19.06 -20.76 -23.89
N GLU B 71 20.12 -19.96 -23.98
CA GLU B 71 21.44 -20.57 -24.05
C GLU B 71 22.04 -20.86 -22.70
N LYS B 72 21.40 -20.36 -21.66
CA LYS B 72 21.88 -20.60 -20.32
C LYS B 72 21.50 -22.06 -20.16
N LEU B 73 20.50 -22.44 -20.96
CA LEU B 73 19.96 -23.79 -21.00
C LEU B 73 20.62 -24.67 -22.08
N LYS B 74 20.86 -24.10 -23.27
CA LYS B 74 21.49 -24.87 -24.34
C LYS B 74 22.87 -25.20 -23.87
N TYR B 75 23.41 -24.29 -23.06
CA TYR B 75 24.73 -24.45 -22.52
C TYR B 75 25.03 -25.69 -21.69
N LYS B 76 24.44 -25.78 -20.50
CA LYS B 76 24.66 -26.93 -19.64
C LYS B 76 24.07 -28.20 -20.22
N ARG B 77 22.90 -28.11 -20.83
CA ARG B 77 22.31 -29.30 -21.40
C ARG B 77 23.31 -29.92 -22.38
N CYS B 78 23.75 -29.15 -23.38
CA CYS B 78 24.72 -29.69 -24.33
C CYS B 78 25.90 -30.21 -23.53
N LYS B 79 26.26 -29.40 -22.54
CA LYS B 79 27.36 -29.65 -21.62
C LYS B 79 27.15 -30.84 -20.66
N TYR B 80 25.92 -31.30 -20.52
CA TYR B 80 25.59 -32.43 -19.63
C TYR B 80 25.39 -33.79 -20.31
N LEU B 81 24.50 -33.82 -21.31
CA LEU B 81 24.16 -35.03 -22.07
C LEU B 81 25.15 -36.17 -21.83
N LYS B 97 12.26 -20.50 -33.71
CA LYS B 97 10.90 -20.29 -33.11
C LYS B 97 10.74 -21.24 -31.92
N LEU B 98 11.58 -21.03 -30.92
CA LEU B 98 11.60 -21.82 -29.68
C LEU B 98 10.24 -22.12 -29.06
N GLN B 99 9.90 -23.40 -28.97
CA GLN B 99 8.63 -23.84 -28.39
C GLN B 99 8.88 -24.76 -27.21
N ASN B 100 7.85 -24.97 -26.40
CA ASN B 100 7.97 -25.83 -25.23
C ASN B 100 7.49 -27.22 -25.62
N VAL B 101 7.82 -28.20 -24.79
CA VAL B 101 7.41 -29.56 -25.06
C VAL B 101 6.26 -29.95 -24.12
N VAL B 102 5.25 -30.61 -24.67
CA VAL B 102 4.08 -31.02 -23.89
C VAL B 102 3.87 -32.54 -23.92
N VAL B 103 4.40 -33.23 -22.92
CA VAL B 103 4.27 -34.68 -22.82
C VAL B 103 2.93 -35.13 -22.23
N MET B 104 2.23 -36.02 -22.91
CA MET B 104 0.95 -36.52 -22.42
C MET B 104 0.76 -38.02 -22.61
N GLY B 105 -0.40 -38.53 -22.20
CA GLY B 105 -0.67 -39.94 -22.34
C GLY B 105 -1.60 -40.19 -23.52
N ARG B 106 -1.83 -41.46 -23.85
CA ARG B 106 -2.69 -41.78 -24.97
C ARG B 106 -4.13 -41.43 -24.62
N THR B 107 -4.63 -41.94 -23.50
CA THR B 107 -6.00 -41.65 -23.09
C THR B 107 -6.14 -40.14 -23.04
N ASN B 108 -5.05 -39.47 -22.68
CA ASN B 108 -5.02 -38.02 -22.59
C ASN B 108 -5.08 -37.41 -23.97
N TRP B 109 -4.19 -37.84 -24.85
CA TRP B 109 -4.16 -37.33 -26.21
C TRP B 109 -5.47 -37.57 -26.95
N GLU B 110 -6.16 -38.65 -26.62
CA GLU B 110 -7.43 -38.97 -27.27
C GLU B 110 -8.59 -38.13 -26.75
N SER B 111 -8.40 -37.50 -25.58
CA SER B 111 -9.44 -36.66 -25.00
C SER B 111 -9.43 -35.27 -25.63
N ILE B 112 -8.26 -34.82 -26.05
CA ILE B 112 -8.14 -33.52 -26.69
C ILE B 112 -9.01 -33.50 -27.94
N PRO B 113 -9.77 -32.41 -28.12
CA PRO B 113 -10.63 -32.32 -29.30
C PRO B 113 -9.86 -32.48 -30.65
N LYS B 114 -10.59 -32.36 -31.73
CA LYS B 114 -10.04 -32.49 -33.07
C LYS B 114 -9.32 -31.22 -33.48
N LYS B 115 -10.05 -30.09 -33.56
CA LYS B 115 -9.49 -28.78 -33.94
C LYS B 115 -8.30 -28.35 -33.07
N PHE B 116 -8.26 -28.85 -31.85
CA PHE B 116 -7.17 -28.50 -30.94
C PHE B 116 -5.92 -29.38 -30.91
N LYS B 117 -5.86 -30.39 -31.78
CA LYS B 117 -4.70 -31.29 -31.84
C LYS B 117 -3.94 -31.14 -33.16
N PRO B 118 -2.61 -30.99 -33.09
CA PRO B 118 -1.87 -30.95 -31.82
C PRO B 118 -2.04 -29.55 -31.14
N LEU B 119 -1.46 -29.45 -29.94
CA LEU B 119 -1.56 -28.20 -29.21
C LEU B 119 -0.66 -27.24 -29.97
N SER B 120 -1.18 -26.10 -30.42
CA SER B 120 -0.39 -25.13 -31.19
C SER B 120 0.82 -24.47 -30.50
N ASN B 121 1.89 -24.28 -31.26
CA ASN B 121 3.11 -23.65 -30.78
C ASN B 121 3.75 -24.52 -29.68
N ARG B 122 3.51 -25.82 -29.76
CA ARG B 122 4.05 -26.75 -28.78
C ARG B 122 4.48 -28.04 -29.44
N ILE B 123 5.58 -28.60 -28.94
CA ILE B 123 6.14 -29.83 -29.47
C ILE B 123 5.44 -30.98 -28.75
N ASN B 124 4.38 -31.50 -29.37
CA ASN B 124 3.62 -32.59 -28.79
C ASN B 124 4.31 -33.95 -28.73
N VAL B 125 4.41 -34.52 -27.54
CA VAL B 125 5.05 -35.83 -27.33
C VAL B 125 4.01 -36.78 -26.73
N ILE B 126 4.22 -38.08 -26.86
CA ILE B 126 3.26 -39.05 -26.33
C ILE B 126 3.88 -40.32 -25.73
N LEU B 127 3.34 -40.77 -24.61
CA LEU B 127 3.82 -41.99 -23.94
C LEU B 127 2.89 -43.13 -24.33
N SER B 128 3.40 -44.11 -25.08
CA SER B 128 2.56 -45.23 -25.50
C SER B 128 3.30 -46.55 -25.75
N ARG B 129 2.53 -47.61 -25.96
CA ARG B 129 3.05 -48.94 -26.22
C ARG B 129 2.39 -49.50 -27.48
N THR B 130 1.45 -48.73 -28.06
CA THR B 130 0.74 -49.17 -29.26
C THR B 130 0.59 -48.15 -30.38
N LEU B 131 0.92 -46.89 -30.10
CA LEU B 131 0.79 -45.89 -31.13
C LEU B 131 1.86 -45.97 -32.23
N LYS B 132 1.41 -45.87 -33.48
CA LYS B 132 2.29 -45.94 -34.64
C LYS B 132 2.94 -44.62 -35.03
N LYS B 133 4.24 -44.51 -34.77
CA LYS B 133 4.97 -43.31 -35.10
C LYS B 133 4.75 -43.12 -36.61
N GLU B 134 4.68 -44.24 -37.34
CA GLU B 134 4.49 -44.21 -38.77
C GLU B 134 3.30 -43.34 -39.17
N ASP B 135 2.22 -43.51 -38.40
CA ASP B 135 0.98 -42.73 -38.62
C ASP B 135 0.78 -41.22 -38.47
N PHE B 136 1.47 -40.57 -37.52
CA PHE B 136 1.39 -39.13 -37.23
C PHE B 136 2.52 -38.30 -37.87
N ASP B 137 2.46 -36.96 -37.69
CA ASP B 137 3.45 -36.00 -38.24
C ASP B 137 4.86 -36.12 -37.58
N GLU B 138 5.86 -35.35 -38.05
CA GLU B 138 7.22 -35.41 -37.47
C GLU B 138 7.27 -34.33 -36.42
N ASP B 139 6.64 -33.20 -36.70
CA ASP B 139 6.72 -32.20 -35.67
C ASP B 139 5.87 -32.74 -34.46
N VAL B 140 5.29 -33.96 -34.62
CA VAL B 140 4.43 -34.69 -33.56
C VAL B 140 4.90 -36.08 -32.85
N TYR B 141 6.15 -36.17 -32.44
CA TYR B 141 6.72 -37.38 -31.79
C TYR B 141 6.05 -38.22 -30.69
N ILE B 142 6.40 -39.51 -30.71
CA ILE B 142 5.90 -40.51 -29.75
C ILE B 142 7.08 -41.25 -29.08
N ILE B 143 6.83 -41.91 -27.95
CA ILE B 143 7.87 -42.66 -27.23
C ILE B 143 7.31 -43.91 -26.55
N ASN B 144 8.11 -44.97 -26.51
CA ASN B 144 7.70 -46.23 -25.90
C ASN B 144 7.77 -46.25 -24.37
N LYS B 145 8.69 -45.48 -23.80
CA LYS B 145 8.84 -45.44 -22.36
C LYS B 145 9.38 -44.13 -21.82
N VAL B 146 9.15 -43.90 -20.52
CA VAL B 146 9.58 -42.71 -19.78
C VAL B 146 10.98 -42.28 -20.17
N GLU B 147 11.92 -43.14 -19.82
CA GLU B 147 13.33 -42.94 -20.09
C GLU B 147 13.66 -42.60 -21.55
N ASP B 148 12.74 -42.92 -22.45
CA ASP B 148 12.96 -42.63 -23.86
C ASP B 148 12.74 -41.14 -24.11
N LEU B 149 12.07 -40.49 -23.17
CA LEU B 149 11.79 -39.06 -23.29
C LEU B 149 13.07 -38.27 -23.17
N ILE B 150 13.83 -38.53 -22.11
CA ILE B 150 15.09 -37.83 -21.88
C ILE B 150 15.85 -37.76 -23.20
N VAL B 151 15.81 -38.87 -23.93
CA VAL B 151 16.48 -39.01 -25.24
C VAL B 151 15.96 -38.03 -26.28
N LEU B 152 14.63 -38.03 -26.51
CA LEU B 152 14.04 -37.13 -27.49
C LEU B 152 14.30 -35.67 -27.15
N LEU B 153 14.65 -35.41 -25.89
CA LEU B 153 14.94 -34.06 -25.44
C LEU B 153 16.35 -33.66 -25.84
N GLY B 154 17.29 -34.57 -25.62
CA GLY B 154 18.69 -34.31 -25.96
C GLY B 154 18.88 -34.04 -27.45
N LYS B 155 17.85 -34.29 -28.24
CA LYS B 155 17.92 -34.08 -29.68
C LYS B 155 17.20 -32.81 -30.11
N LEU B 156 16.05 -32.54 -29.47
CA LEU B 156 15.24 -31.38 -29.77
C LEU B 156 15.69 -30.05 -29.17
N ASN B 157 15.12 -28.96 -29.71
CA ASN B 157 15.42 -27.61 -29.26
C ASN B 157 14.14 -27.04 -28.65
N TYR B 158 14.05 -27.11 -27.33
CA TYR B 158 12.88 -26.61 -26.62
C TYR B 158 13.27 -25.72 -25.45
N TYR B 159 12.27 -24.98 -24.95
CA TYR B 159 12.47 -24.08 -23.82
C TYR B 159 12.27 -24.85 -22.52
N LYS B 160 11.07 -25.39 -22.34
CA LYS B 160 10.73 -26.17 -21.15
C LYS B 160 9.83 -27.33 -21.48
N CYS B 161 9.95 -28.42 -20.71
CA CYS B 161 9.14 -29.61 -20.93
C CYS B 161 8.02 -29.74 -19.88
N PHE B 162 6.77 -29.72 -20.35
CA PHE B 162 5.62 -29.83 -19.46
C PHE B 162 4.87 -31.16 -19.52
N ILE B 163 4.79 -31.86 -18.39
CA ILE B 163 4.09 -33.13 -18.34
C ILE B 163 2.63 -32.76 -18.05
N ILE B 164 1.80 -32.74 -19.09
CA ILE B 164 0.40 -32.39 -18.95
C ILE B 164 -0.58 -33.51 -18.59
N GLY B 165 -0.07 -34.62 -18.05
CA GLY B 165 -0.94 -35.72 -17.68
C GLY B 165 -0.93 -36.91 -18.61
N GLY B 166 -1.72 -37.93 -18.32
CA GLY B 166 -2.59 -37.94 -17.16
C GLY B 166 -2.09 -38.53 -15.87
N SER B 167 -3.02 -39.11 -15.12
CA SER B 167 -2.70 -39.73 -13.83
C SER B 167 -1.51 -40.66 -13.92
N VAL B 168 -1.68 -41.72 -14.71
CA VAL B 168 -0.62 -42.71 -14.90
C VAL B 168 0.72 -42.03 -15.20
N VAL B 169 0.69 -41.07 -16.11
CA VAL B 169 1.89 -40.34 -16.48
C VAL B 169 2.44 -39.48 -15.35
N TYR B 170 1.55 -38.90 -14.53
CA TYR B 170 2.01 -38.07 -13.42
C TYR B 170 2.74 -38.94 -12.41
N GLN B 171 2.07 -40.02 -12.02
CA GLN B 171 2.60 -40.98 -11.04
C GLN B 171 4.04 -41.43 -11.27
N GLU B 172 4.30 -42.02 -12.43
CA GLU B 172 5.64 -42.51 -12.75
C GLU B 172 6.67 -41.40 -12.81
N PHE B 173 6.29 -40.26 -13.39
CA PHE B 173 7.22 -39.16 -13.49
C PHE B 173 7.59 -38.62 -12.11
N LEU B 174 6.69 -38.79 -11.14
CA LEU B 174 6.94 -38.31 -9.79
C LEU B 174 7.78 -39.32 -9.04
N GLU B 175 7.42 -40.60 -9.17
CA GLU B 175 8.14 -41.66 -8.51
C GLU B 175 9.58 -41.62 -8.96
N LYS B 176 9.80 -41.71 -10.25
CA LYS B 176 11.17 -41.66 -10.72
C LYS B 176 11.87 -40.32 -10.35
N LYS B 177 11.10 -39.35 -9.90
CA LYS B 177 11.61 -38.03 -9.51
C LYS B 177 12.19 -37.17 -10.63
N LEU B 178 11.39 -36.97 -11.68
CA LEU B 178 11.80 -36.18 -12.82
C LEU B 178 11.17 -34.79 -12.84
N ILE B 179 10.18 -34.59 -11.97
CA ILE B 179 9.47 -33.34 -11.86
C ILE B 179 10.17 -32.26 -11.03
N LYS B 180 10.39 -31.11 -11.67
CA LYS B 180 11.04 -29.97 -11.04
C LYS B 180 10.01 -29.15 -10.25
N LYS B 181 9.00 -28.64 -10.97
CA LYS B 181 7.92 -27.84 -10.38
C LYS B 181 6.55 -28.37 -10.83
N ILE B 182 5.53 -28.19 -10.00
CA ILE B 182 4.19 -28.65 -10.34
C ILE B 182 3.23 -27.47 -10.36
N TYR B 183 2.82 -27.03 -11.55
CA TYR B 183 1.89 -25.91 -11.66
C TYR B 183 0.49 -26.47 -11.45
N PHE B 184 0.11 -26.57 -10.18
CA PHE B 184 -1.17 -27.09 -9.70
C PHE B 184 -2.29 -26.06 -9.60
N THR B 185 -3.39 -26.31 -10.30
CA THR B 185 -4.54 -25.41 -10.29
C THR B 185 -5.59 -26.03 -9.38
N ARG B 186 -6.07 -25.27 -8.40
CA ARG B 186 -7.08 -25.80 -7.48
C ARG B 186 -8.50 -25.38 -7.86
N ILE B 187 -9.24 -26.34 -8.41
CA ILE B 187 -10.62 -26.09 -8.81
C ILE B 187 -11.36 -26.31 -7.52
N ASN B 188 -11.90 -25.23 -6.95
CA ASN B 188 -12.62 -25.34 -5.69
C ASN B 188 -14.13 -25.60 -5.72
N SER B 189 -14.46 -26.81 -6.20
CA SER B 189 -15.83 -27.30 -6.30
C SER B 189 -15.70 -28.81 -6.44
N THR B 190 -16.79 -29.53 -6.12
CA THR B 190 -16.82 -30.99 -6.18
C THR B 190 -17.48 -31.59 -7.42
N TYR B 191 -16.84 -32.63 -7.97
CA TYR B 191 -17.37 -33.30 -9.15
C TYR B 191 -17.16 -34.80 -9.05
N GLU B 192 -17.78 -35.53 -9.98
CA GLU B 192 -17.66 -36.97 -10.00
C GLU B 192 -16.29 -37.26 -10.61
N CYS B 193 -15.53 -38.18 -10.04
CA CYS B 193 -14.21 -38.51 -10.58
C CYS B 193 -13.89 -40.00 -10.62
N ASP B 194 -13.02 -40.38 -11.55
CA ASP B 194 -12.63 -41.79 -11.67
C ASP B 194 -11.10 -41.91 -11.72
N VAL B 195 -10.42 -40.81 -12.02
CA VAL B 195 -8.95 -40.78 -12.10
C VAL B 195 -8.46 -39.64 -11.21
N PHE B 196 -7.42 -39.89 -10.42
CA PHE B 196 -6.90 -38.85 -9.54
C PHE B 196 -5.39 -38.60 -9.62
N PHE B 197 -4.96 -37.46 -9.10
CA PHE B 197 -3.56 -37.09 -9.09
C PHE B 197 -2.92 -37.79 -7.89
N PRO B 198 -1.65 -38.16 -7.98
CA PRO B 198 -0.93 -38.83 -6.89
C PRO B 198 -0.64 -37.91 -5.71
N GLU B 199 -0.93 -38.40 -4.50
CA GLU B 199 -0.68 -37.62 -3.30
C GLU B 199 0.77 -37.16 -3.28
N ILE B 200 0.98 -35.85 -3.39
CA ILE B 200 2.33 -35.29 -3.39
C ILE B 200 2.95 -35.42 -2.01
N ASN B 201 4.21 -35.86 -1.97
CA ASN B 201 4.94 -36.03 -0.71
C ASN B 201 5.43 -34.67 -0.19
N GLU B 202 4.78 -34.18 0.86
CA GLU B 202 5.14 -32.89 1.44
C GLU B 202 6.63 -32.71 1.72
N ASN B 203 7.36 -33.80 1.85
CA ASN B 203 8.79 -33.72 2.10
C ASN B 203 9.65 -33.71 0.85
N GLU B 204 9.05 -33.96 -0.30
CA GLU B 204 9.79 -33.97 -1.56
C GLU B 204 9.46 -32.70 -2.32
N TYR B 205 8.24 -32.21 -2.12
CA TYR B 205 7.77 -31.00 -2.79
C TYR B 205 7.12 -30.03 -1.81
N GLN B 206 7.32 -28.74 -2.04
CA GLN B 206 6.75 -27.71 -1.16
C GLN B 206 6.22 -26.54 -1.98
N ILE B 207 5.13 -25.94 -1.50
CA ILE B 207 4.50 -24.81 -2.16
C ILE B 207 5.31 -23.54 -1.99
N ILE B 208 5.76 -22.97 -3.10
CA ILE B 208 6.54 -21.75 -3.05
C ILE B 208 5.78 -20.52 -3.46
N SER B 209 4.63 -20.71 -4.10
CA SER B 209 3.83 -19.57 -4.54
C SER B 209 2.34 -19.88 -4.56
N VAL B 210 1.53 -18.85 -4.36
CA VAL B 210 0.07 -18.93 -4.34
C VAL B 210 -0.48 -17.69 -5.02
N SER B 211 -1.27 -17.87 -6.07
CA SER B 211 -1.82 -16.75 -6.79
C SER B 211 -3.02 -16.10 -6.14
N ASP B 212 -3.61 -15.18 -6.90
CA ASP B 212 -4.79 -14.43 -6.49
C ASP B 212 -5.90 -15.48 -6.69
N VAL B 213 -7.10 -15.22 -6.15
CA VAL B 213 -8.22 -16.16 -6.29
C VAL B 213 -9.17 -15.62 -7.34
N TYR B 214 -9.69 -16.49 -8.18
CA TYR B 214 -10.60 -16.03 -9.23
C TYR B 214 -11.85 -16.87 -9.29
N THR B 215 -12.84 -16.37 -10.02
CA THR B 215 -14.10 -17.07 -10.20
C THR B 215 -14.17 -17.26 -11.71
N SER B 216 -14.50 -18.48 -12.11
CA SER B 216 -14.60 -18.79 -13.52
C SER B 216 -15.53 -19.95 -13.64
N ASN B 217 -16.49 -19.82 -14.55
CA ASN B 217 -17.46 -20.88 -14.77
C ASN B 217 -18.16 -21.30 -13.51
N ASN B 218 -18.53 -20.31 -12.72
CA ASN B 218 -19.24 -20.58 -11.49
C ASN B 218 -18.50 -21.35 -10.39
N THR B 219 -17.21 -21.10 -10.23
CA THR B 219 -16.42 -21.76 -9.19
C THR B 219 -15.20 -20.92 -8.97
N THR B 220 -14.68 -20.92 -7.75
CA THR B 220 -13.49 -20.12 -7.49
C THR B 220 -12.34 -21.09 -7.75
N LEU B 221 -11.15 -20.55 -7.96
CA LEU B 221 -9.99 -21.36 -8.21
C LEU B 221 -8.80 -20.45 -8.05
N ASP B 222 -7.64 -21.07 -7.89
CA ASP B 222 -6.39 -20.34 -7.75
C ASP B 222 -5.28 -21.25 -8.29
N PHE B 223 -4.10 -20.68 -8.48
CA PHE B 223 -2.97 -21.45 -9.00
C PHE B 223 -1.82 -21.46 -8.03
N ILE B 224 -1.33 -22.64 -7.70
CA ILE B 224 -0.21 -22.73 -6.77
C ILE B 224 0.97 -23.45 -7.41
N ILE B 225 2.17 -23.09 -6.98
CA ILE B 225 3.37 -23.69 -7.51
C ILE B 225 4.12 -24.55 -6.49
N TYR B 226 4.29 -25.81 -6.83
CA TYR B 226 4.98 -26.78 -6.01
C TYR B 226 6.42 -26.87 -6.45
N LYS B 227 7.31 -26.89 -5.48
CA LYS B 227 8.69 -27.00 -5.86
C LYS B 227 9.41 -28.23 -5.33
N LYS B 228 10.46 -28.60 -6.05
CA LYS B 228 11.26 -29.73 -5.70
C LYS B 228 12.19 -29.22 -4.62
N THR B 229 11.95 -29.67 -3.39
CA THR B 229 12.81 -29.21 -2.32
C THR B 229 14.16 -29.74 -2.80
N ASN B 230 15.06 -28.83 -3.20
CA ASN B 230 16.38 -29.24 -3.67
C ASN B 230 16.92 -30.10 -2.54
N ASN B 231 16.26 -29.92 -1.41
CA ASN B 231 16.58 -30.62 -0.17
C ASN B 231 15.80 -31.91 0.21
N ASP C 3 18.27 -16.75 -9.09
CA ASP C 3 17.10 -17.57 -9.53
C ASP C 3 16.28 -16.82 -10.57
N ASP C 4 16.18 -17.43 -11.76
CA ASP C 4 15.45 -16.84 -12.86
C ASP C 4 14.08 -17.42 -13.23
N GLU C 5 13.79 -18.66 -12.87
CA GLU C 5 12.48 -19.17 -13.23
C GLU C 5 11.53 -18.81 -12.11
N GLU C 6 12.09 -18.55 -10.92
CA GLU C 6 11.26 -18.16 -9.79
C GLU C 6 10.75 -16.79 -10.23
N GLU C 7 11.23 -16.40 -11.42
CA GLU C 7 10.91 -15.15 -12.09
C GLU C 7 9.90 -15.45 -13.19
N ASP C 8 10.08 -16.56 -13.91
CA ASP C 8 9.12 -16.90 -14.96
C ASP C 8 7.76 -17.10 -14.31
N ASP C 9 7.73 -17.73 -13.13
CA ASP C 9 6.47 -17.96 -12.42
C ASP C 9 5.73 -16.64 -12.35
N PHE C 10 6.49 -15.56 -12.15
CA PHE C 10 5.95 -14.23 -12.06
C PHE C 10 5.20 -13.91 -13.36
N VAL C 11 5.84 -14.24 -14.47
CA VAL C 11 5.26 -14.00 -15.79
C VAL C 11 3.92 -14.71 -15.92
N TYR C 12 3.87 -15.95 -15.43
CA TYR C 12 2.65 -16.74 -15.48
C TYR C 12 1.55 -16.10 -14.63
N PHE C 13 1.85 -15.89 -13.35
CA PHE C 13 0.89 -15.30 -12.44
C PHE C 13 0.21 -14.02 -12.95
N ASN C 14 0.85 -13.34 -13.89
CA ASN C 14 0.27 -12.11 -14.43
C ASN C 14 -0.46 -12.34 -15.74
N PHE C 15 -0.73 -13.61 -16.02
CA PHE C 15 -1.41 -14.04 -17.24
C PHE C 15 -2.81 -13.53 -17.52
N ASN C 16 -3.50 -12.99 -16.53
CA ASN C 16 -4.85 -12.50 -16.81
C ASN C 16 -5.07 -11.01 -16.85
N LYS C 17 -3.99 -10.31 -17.20
CA LYS C 17 -4.13 -8.88 -17.28
C LYS C 17 -4.76 -8.55 -18.62
N GLU C 18 -4.93 -7.25 -18.69
CA GLU C 18 -5.48 -6.49 -19.72
C GLU C 18 -4.04 -6.13 -20.14
N LYS C 19 -3.80 -5.15 -20.98
CA LYS C 19 -2.41 -4.97 -21.29
C LYS C 19 -2.25 -3.51 -21.15
N GLU C 20 -3.38 -2.84 -21.29
CA GLU C 20 -3.34 -1.44 -21.17
C GLU C 20 -4.35 -0.93 -20.19
N GLU C 21 -3.93 0.15 -19.59
CA GLU C 21 -4.65 0.88 -18.61
C GLU C 21 -5.74 1.62 -19.39
N LYS C 22 -6.90 1.63 -18.74
CA LYS C 22 -8.15 2.24 -19.19
C LYS C 22 -8.25 3.49 -20.07
N ASN C 23 -7.68 4.59 -19.60
CA ASN C 23 -7.77 5.80 -20.36
C ASN C 23 -6.45 6.09 -21.03
N LYS C 24 -5.64 5.05 -21.27
CA LYS C 24 -4.34 5.21 -21.92
C LYS C 24 -4.50 6.11 -23.12
N ASN C 25 -5.27 5.61 -24.08
CA ASN C 25 -5.56 6.31 -25.33
C ASN C 25 -5.98 7.73 -25.02
N SER C 26 -6.91 7.91 -24.10
CA SER C 26 -7.37 9.24 -23.74
C SER C 26 -6.29 10.12 -23.08
N ILE C 27 -5.47 9.51 -22.21
CA ILE C 27 -4.40 10.23 -21.49
C ILE C 27 -3.00 10.43 -22.14
N HIS C 28 -2.51 9.47 -22.89
CA HIS C 28 -1.19 9.60 -23.55
C HIS C 28 -0.01 9.90 -22.67
N PRO C 29 0.89 8.91 -22.48
CA PRO C 29 2.10 8.98 -21.66
C PRO C 29 3.34 9.74 -22.11
N ASN C 30 3.48 10.13 -23.37
CA ASN C 30 4.69 10.88 -23.79
C ASN C 30 4.43 12.17 -22.96
N ASP C 31 3.25 12.22 -22.33
CA ASP C 31 2.87 13.36 -21.48
C ASP C 31 3.49 13.34 -20.09
N PHE C 32 3.78 12.16 -19.55
CA PHE C 32 4.38 12.03 -18.21
C PHE C 32 5.83 11.58 -18.37
N GLN C 33 6.47 12.09 -19.42
CA GLN C 33 7.87 11.76 -19.75
C GLN C 33 8.80 11.86 -18.54
N ILE C 34 8.81 13.02 -17.89
CA ILE C 34 9.66 13.22 -16.72
C ILE C 34 9.22 12.31 -15.58
N TYR C 35 7.92 12.25 -15.32
CA TYR C 35 7.38 11.43 -14.25
C TYR C 35 7.70 9.94 -14.42
N ASN C 36 7.68 9.48 -15.66
CA ASN C 36 7.98 8.07 -15.91
C ASN C 36 9.45 7.75 -16.00
N SER C 37 10.29 8.75 -16.26
CA SER C 37 11.73 8.54 -16.36
C SER C 37 12.38 8.26 -15.00
N LEU C 38 11.79 8.74 -13.91
CA LEU C 38 12.35 8.53 -12.57
C LEU C 38 12.38 7.05 -12.20
N LYS C 39 13.44 6.64 -11.52
CA LYS C 39 13.55 5.25 -11.10
C LYS C 39 13.04 5.09 -9.66
N TYR C 40 13.53 5.91 -8.75
CA TYR C 40 13.11 5.84 -7.34
C TYR C 40 12.39 7.14 -6.96
N LYS C 41 11.09 7.04 -6.74
CA LYS C 41 10.30 8.21 -6.37
C LYS C 41 9.86 8.02 -4.95
N TYR C 42 10.77 8.32 -4.03
CA TYR C 42 10.52 8.17 -2.60
C TYR C 42 10.11 9.39 -1.80
N HIS C 43 10.13 10.56 -2.44
CA HIS C 43 9.75 11.80 -1.77
C HIS C 43 8.25 11.63 -1.44
N PRO C 44 7.84 11.95 -0.20
CA PRO C 44 6.44 11.80 0.19
C PRO C 44 5.42 12.47 -0.74
N GLU C 45 5.81 13.53 -1.45
CA GLU C 45 4.86 14.16 -2.34
C GLU C 45 4.37 13.17 -3.38
N TYR C 46 5.13 12.13 -3.67
CA TYR C 46 4.66 11.17 -4.68
C TYR C 46 3.45 10.35 -4.20
N GLN C 47 3.17 10.39 -2.91
CA GLN C 47 2.03 9.65 -2.41
C GLN C 47 0.81 10.33 -3.00
N TYR C 48 0.90 11.64 -3.19
CA TYR C 48 -0.21 12.40 -3.75
C TYR C 48 -0.13 12.36 -5.28
N LEU C 49 1.08 12.44 -5.84
CA LEU C 49 1.20 12.42 -7.30
C LEU C 49 0.86 11.06 -7.90
N ASN C 50 1.19 9.98 -7.18
CA ASN C 50 0.90 8.64 -7.69
C ASN C 50 -0.58 8.37 -7.69
N ILE C 51 -1.30 9.01 -6.76
CA ILE C 51 -2.72 8.79 -6.69
C ILE C 51 -3.35 9.46 -7.89
N ILE C 52 -2.86 10.65 -8.21
CA ILE C 52 -3.36 11.38 -9.36
C ILE C 52 -3.09 10.59 -10.62
N TYR C 53 -1.89 10.00 -10.72
CA TYR C 53 -1.54 9.19 -11.90
C TYR C 53 -2.42 7.94 -11.94
N ASP C 54 -2.69 7.34 -10.78
CA ASP C 54 -3.51 6.14 -10.76
C ASP C 54 -4.95 6.45 -11.20
N ILE C 55 -5.51 7.53 -10.67
CA ILE C 55 -6.86 7.91 -11.02
C ILE C 55 -6.96 8.26 -12.52
N MET C 56 -5.97 8.97 -13.05
CA MET C 56 -5.98 9.32 -14.46
C MET C 56 -5.89 8.10 -15.35
N MET C 57 -5.07 7.15 -14.93
CA MET C 57 -4.90 5.94 -15.72
C MET C 57 -5.95 4.88 -15.53
N ASN C 58 -6.42 4.70 -14.30
CA ASN C 58 -7.42 3.69 -14.03
C ASN C 58 -8.77 4.15 -13.50
N GLY C 59 -8.96 5.46 -13.36
CA GLY C 59 -10.21 5.97 -12.88
C GLY C 59 -11.46 5.67 -13.67
N ASN C 60 -12.60 5.64 -12.98
CA ASN C 60 -13.87 5.37 -13.62
C ASN C 60 -14.47 6.72 -14.01
N LYS C 61 -15.06 6.79 -15.21
CA LYS C 61 -15.65 8.04 -15.67
C LYS C 61 -17.05 8.22 -15.12
N GLN C 62 -17.29 9.37 -14.49
CA GLN C 62 -18.61 9.65 -13.92
C GLN C 62 -18.94 11.13 -14.03
N SER C 63 -20.21 11.44 -13.81
CA SER C 63 -20.69 12.82 -13.85
C SER C 63 -21.14 13.06 -12.40
N ASP C 64 -20.14 13.42 -11.57
CA ASP C 64 -20.18 13.73 -10.12
C ASP C 64 -21.30 14.60 -9.56
N ARG C 65 -21.55 15.71 -10.25
CA ARG C 65 -22.58 16.66 -9.90
C ARG C 65 -23.02 16.82 -11.33
N THR C 66 -24.33 16.88 -11.55
CA THR C 66 -24.83 17.02 -12.90
C THR C 66 -24.11 17.96 -13.87
N GLY C 67 -23.54 17.31 -14.88
CA GLY C 67 -22.79 18.00 -15.92
C GLY C 67 -21.27 18.06 -15.89
N VAL C 68 -20.73 18.25 -14.70
CA VAL C 68 -19.27 18.34 -14.54
C VAL C 68 -18.38 17.15 -14.96
N GLY C 69 -18.59 15.95 -14.45
CA GLY C 69 -17.71 14.86 -14.90
C GLY C 69 -16.31 14.81 -14.31
N VAL C 70 -15.99 13.63 -13.79
CA VAL C 70 -14.70 13.38 -13.18
C VAL C 70 -14.25 11.97 -13.46
N LEU C 71 -13.06 11.64 -12.96
CA LEU C 71 -12.49 10.31 -13.10
C LEU C 71 -12.41 10.00 -11.61
N SER C 72 -12.87 8.81 -11.20
CA SER C 72 -12.82 8.50 -9.77
C SER C 72 -12.38 7.11 -9.38
N LYS C 73 -11.96 6.98 -8.13
CA LYS C 73 -11.49 5.74 -7.55
C LYS C 73 -11.99 5.73 -6.10
N PHE C 74 -11.98 4.56 -5.46
CA PHE C 74 -12.46 4.43 -4.09
C PHE C 74 -11.48 3.80 -3.09
N GLY C 75 -11.04 4.56 -2.11
CA GLY C 75 -10.12 4.02 -1.13
C GLY C 75 -8.62 4.14 -1.36
N TYR C 76 -8.02 5.07 -0.64
CA TYR C 76 -6.59 5.33 -0.73
C TYR C 76 -6.14 5.80 0.65
N ILE C 77 -4.85 5.65 0.92
CA ILE C 77 -4.32 6.06 2.18
C ILE C 77 -2.93 6.67 1.96
N MET C 78 -2.70 7.87 2.48
CA MET C 78 -1.42 8.51 2.36
C MET C 78 -0.92 8.73 3.80
N LYS C 79 0.39 8.68 4.01
CA LYS C 79 0.95 8.88 5.35
C LYS C 79 2.07 9.92 5.33
N PHE C 80 2.04 10.85 6.26
CA PHE C 80 3.05 11.87 6.30
C PHE C 80 3.68 11.91 7.66
N ASP C 81 5.02 11.86 7.69
CA ASP C 81 5.77 11.89 8.94
C ASP C 81 6.00 13.34 9.33
N LEU C 82 5.09 13.89 10.11
CA LEU C 82 5.18 15.28 10.58
C LEU C 82 6.43 15.55 11.44
N SER C 83 7.07 14.49 11.94
CA SER C 83 8.27 14.71 12.76
C SER C 83 9.40 15.02 11.81
N GLN C 84 9.29 14.56 10.58
CA GLN C 84 10.35 14.82 9.61
C GLN C 84 10.12 16.01 8.69
N TYR C 85 8.88 16.47 8.53
CA TYR C 85 8.60 17.62 7.67
C TYR C 85 7.11 18.07 7.68
N PHE C 86 6.82 19.19 7.02
CA PHE C 86 5.45 19.67 6.96
C PHE C 86 5.11 19.40 5.49
N PRO C 87 4.12 18.53 5.23
CA PRO C 87 3.78 18.23 3.84
C PRO C 87 2.99 19.19 2.99
N LEU C 88 3.54 20.38 2.74
CA LEU C 88 2.87 21.37 1.91
C LEU C 88 3.39 21.05 0.53
N LEU C 89 2.52 20.70 -0.40
CA LEU C 89 2.95 20.34 -1.76
C LEU C 89 3.88 21.37 -2.39
N THR C 90 4.94 20.87 -3.03
CA THR C 90 5.92 21.73 -3.67
C THR C 90 5.79 21.77 -5.19
N THR C 91 5.06 20.82 -5.77
CA THR C 91 4.92 20.82 -7.22
C THR C 91 4.02 21.94 -7.76
N LYS C 92 3.56 22.81 -6.88
CA LYS C 92 2.71 23.92 -7.25
C LYS C 92 2.73 24.84 -6.05
N LYS C 93 2.31 26.07 -6.21
CA LYS C 93 2.32 27.00 -5.08
C LYS C 93 1.04 27.01 -4.24
N LEU C 94 1.19 27.01 -2.92
CA LEU C 94 0.06 27.01 -2.01
C LEU C 94 0.26 28.04 -0.91
N PHE C 95 -0.82 28.65 -0.43
CA PHE C 95 -0.77 29.66 0.64
C PHE C 95 -1.62 29.07 1.76
N LEU C 96 -1.26 29.30 3.01
CA LEU C 96 -2.06 28.74 4.10
C LEU C 96 -2.80 29.69 5.03
N ARG C 97 -2.72 31.00 4.82
CA ARG C 97 -3.42 31.93 5.73
C ARG C 97 -4.91 31.61 5.86
N GLY C 98 -5.55 31.29 4.73
CA GLY C 98 -6.97 30.97 4.73
C GLY C 98 -7.33 29.71 5.48
N ILE C 99 -6.60 28.61 5.25
CA ILE C 99 -6.94 27.40 5.97
C ILE C 99 -6.62 27.51 7.43
N ILE C 100 -5.67 28.34 7.79
CA ILE C 100 -5.36 28.45 9.22
C ILE C 100 -6.52 29.24 9.86
N GLU C 101 -6.99 30.27 9.18
CA GLU C 101 -8.10 31.04 9.75
C GLU C 101 -9.34 30.13 9.84
N GLU C 102 -9.53 29.26 8.84
CA GLU C 102 -10.68 28.36 8.86
C GLU C 102 -10.60 27.49 10.09
N LEU C 103 -9.42 26.97 10.33
CA LEU C 103 -9.18 26.10 11.46
C LEU C 103 -9.46 26.74 12.80
N LEU C 104 -8.97 27.97 12.97
CA LEU C 104 -9.18 28.70 14.21
C LEU C 104 -10.69 28.96 14.35
N TRP C 105 -11.31 29.24 13.22
CA TRP C 105 -12.73 29.52 13.14
C TRP C 105 -13.43 28.24 13.65
N PHE C 106 -12.99 27.07 13.19
CA PHE C 106 -13.58 25.80 13.62
C PHE C 106 -13.46 25.67 15.14
N ILE C 107 -12.24 25.82 15.61
CA ILE C 107 -11.95 25.72 17.03
C ILE C 107 -12.76 26.66 17.91
N ARG C 108 -13.13 27.83 17.39
CA ARG C 108 -13.92 28.76 18.18
C ARG C 108 -15.38 28.31 18.20
N GLY C 109 -15.71 27.35 17.35
CA GLY C 109 -17.07 26.83 17.27
C GLY C 109 -17.97 27.67 16.39
N GLU C 110 -17.36 28.56 15.60
CA GLU C 110 -18.13 29.42 14.74
C GLU C 110 -18.71 28.78 13.50
N THR C 111 -19.81 29.36 13.03
CA THR C 111 -20.51 28.88 11.86
C THR C 111 -20.92 30.10 11.06
N ASN C 112 -20.41 31.26 11.48
CA ASN C 112 -20.71 32.55 10.84
C ASN C 112 -19.72 32.82 9.70
N GLY C 113 -20.19 32.71 8.46
CA GLY C 113 -19.35 32.93 7.30
C GLY C 113 -18.81 34.34 7.20
N ASN C 114 -19.52 35.31 7.78
CA ASN C 114 -19.05 36.69 7.71
C ASN C 114 -17.71 36.86 8.38
N THR C 115 -17.44 36.06 9.40
CA THR C 115 -16.16 36.18 10.10
C THR C 115 -14.99 35.92 9.16
N LEU C 116 -15.10 34.88 8.34
CA LEU C 116 -14.04 34.56 7.40
C LEU C 116 -13.99 35.65 6.34
N LEU C 117 -15.15 36.00 5.78
CA LEU C 117 -15.20 37.03 4.76
C LEU C 117 -14.55 38.35 5.21
N ASN C 118 -14.69 38.70 6.49
CA ASN C 118 -14.08 39.93 7.00
C ASN C 118 -12.56 39.80 7.03
N LYS C 119 -12.06 38.57 6.97
CA LYS C 119 -10.62 38.33 6.99
C LYS C 119 -10.17 38.01 5.56
N ASN C 120 -11.06 38.35 4.63
CA ASN C 120 -10.81 38.12 3.21
C ASN C 120 -10.46 36.65 2.85
N VAL C 121 -11.17 35.72 3.51
CA VAL C 121 -11.00 34.28 3.30
C VAL C 121 -12.34 33.91 2.68
N ARG C 122 -12.31 33.45 1.44
CA ARG C 122 -13.54 33.09 0.75
C ARG C 122 -13.82 31.60 0.60
N ILE C 123 -13.14 30.78 1.40
CA ILE C 123 -13.36 29.34 1.31
C ILE C 123 -14.84 28.96 1.40
N TRP C 124 -15.60 29.62 2.25
CA TRP C 124 -17.02 29.30 2.41
C TRP C 124 -18.05 30.23 1.78
N GLU C 125 -17.59 31.23 1.04
CA GLU C 125 -18.46 32.19 0.40
C GLU C 125 -19.57 31.63 -0.48
N ALA C 126 -19.21 30.77 -1.43
CA ALA C 126 -20.20 30.19 -2.33
C ALA C 126 -21.27 29.36 -1.63
N ASN C 127 -20.90 28.72 -0.52
CA ASN C 127 -21.86 27.89 0.20
C ASN C 127 -22.78 28.68 1.13
N GLY C 128 -22.58 29.99 1.23
CA GLY C 128 -23.42 30.78 2.10
C GLY C 128 -24.33 31.80 1.44
N THR C 129 -24.40 31.76 0.12
CA THR C 129 -25.24 32.70 -0.61
C THR C 129 -26.72 32.36 -0.51
N ARG C 130 -27.55 33.37 -0.76
CA ARG C 130 -28.99 33.22 -0.72
C ARG C 130 -29.38 32.06 -1.63
N GLU C 131 -28.87 32.08 -2.86
CA GLU C 131 -29.18 31.02 -3.83
C GLU C 131 -28.70 29.63 -3.39
N PHE C 132 -27.48 29.55 -2.91
CA PHE C 132 -27.02 28.24 -2.50
C PHE C 132 -27.88 27.71 -1.38
N LEU C 133 -28.12 28.52 -0.36
CA LEU C 133 -28.94 28.13 0.78
C LEU C 133 -30.37 27.72 0.40
N ASP C 134 -31.00 28.49 -0.48
CA ASP C 134 -32.36 28.18 -0.92
C ASP C 134 -32.35 26.84 -1.63
N ASN C 135 -31.38 26.63 -2.51
CA ASN C 135 -31.33 25.35 -3.24
C ASN C 135 -31.05 24.16 -2.32
N ARG C 136 -30.68 24.42 -1.07
CA ARG C 136 -30.40 23.36 -0.09
C ARG C 136 -31.67 23.27 0.74
N LYS C 137 -32.67 24.06 0.34
CA LYS C 137 -33.95 24.11 1.01
C LYS C 137 -33.85 24.88 2.32
N LEU C 138 -32.75 25.60 2.53
CA LEU C 138 -32.61 26.36 3.78
C LEU C 138 -33.13 27.83 3.57
N PHE C 139 -34.43 27.94 3.32
CA PHE C 139 -35.09 29.22 3.10
C PHE C 139 -35.13 30.13 4.29
N HIS C 140 -35.02 29.56 5.49
CA HIS C 140 -35.06 30.37 6.70
C HIS C 140 -33.69 30.57 7.33
N ARG C 141 -32.66 30.40 6.50
CA ARG C 141 -31.31 30.57 6.96
C ARG C 141 -30.73 31.88 6.40
N GLU C 142 -30.16 32.70 7.27
CA GLU C 142 -29.58 33.97 6.89
C GLU C 142 -28.36 33.73 5.99
N VAL C 143 -28.07 34.68 5.11
CA VAL C 143 -26.94 34.56 4.21
C VAL C 143 -25.68 34.37 5.04
N ASN C 144 -24.83 33.44 4.59
CA ASN C 144 -23.58 33.14 5.27
C ASN C 144 -23.75 32.42 6.64
N ASP C 145 -24.97 32.02 6.98
CA ASP C 145 -25.13 31.32 8.26
C ASP C 145 -24.99 29.92 7.73
N LEU C 146 -23.81 29.33 7.88
CA LEU C 146 -23.60 27.99 7.37
C LEU C 146 -24.30 26.86 8.09
N GLY C 147 -24.86 27.15 9.24
CA GLY C 147 -25.54 26.06 9.93
C GLY C 147 -24.65 25.28 10.90
N PRO C 148 -25.08 24.09 11.36
CA PRO C 148 -24.30 23.29 12.31
C PRO C 148 -23.16 22.47 11.67
N ILE C 149 -22.19 23.20 11.12
CA ILE C 149 -21.06 22.54 10.48
C ILE C 149 -19.94 22.31 11.47
N TYR C 150 -18.76 22.00 10.97
CA TYR C 150 -17.56 21.73 11.78
C TYR C 150 -17.46 22.39 13.14
N GLY C 151 -17.37 23.72 13.14
CA GLY C 151 -17.25 24.42 14.40
C GLY C 151 -18.28 24.03 15.44
N PHE C 152 -19.55 24.04 15.05
CA PHE C 152 -20.64 23.69 15.92
C PHE C 152 -20.57 22.27 16.44
N GLN C 153 -20.28 21.31 15.55
CA GLN C 153 -20.17 19.90 15.92
C GLN C 153 -18.98 19.66 16.85
N TRP C 154 -17.86 20.30 16.55
CA TRP C 154 -16.66 20.14 17.38
C TRP C 154 -16.88 20.56 18.82
N ARG C 155 -17.64 21.62 19.04
CA ARG C 155 -17.86 22.06 20.41
C ARG C 155 -19.25 21.83 21.01
N HIS C 156 -20.26 21.63 20.17
CA HIS C 156 -21.61 21.40 20.70
C HIS C 156 -22.43 20.30 20.06
N PHE C 157 -21.78 19.25 19.58
CA PHE C 157 -22.48 18.13 18.95
C PHE C 157 -23.67 17.66 19.76
N GLY C 158 -24.83 17.65 19.13
CA GLY C 158 -26.04 17.22 19.81
C GLY C 158 -26.98 18.32 20.25
N ALA C 159 -26.48 19.54 20.29
CA ALA C 159 -27.31 20.67 20.69
C ALA C 159 -28.20 21.01 19.49
N GLU C 160 -29.33 21.68 19.75
CA GLU C 160 -30.23 22.06 18.66
C GLU C 160 -29.67 23.36 18.10
N TYR C 161 -29.33 23.36 16.82
CA TYR C 161 -28.79 24.57 16.22
C TYR C 161 -29.90 25.60 16.08
N THR C 162 -29.59 26.87 16.35
CA THR C 162 -30.56 27.93 16.24
C THR C 162 -30.12 28.87 15.13
N ASN C 163 -29.04 29.64 15.34
CA ASN C 163 -28.53 30.57 14.32
C ASN C 163 -27.07 30.82 14.64
N MET C 164 -26.32 31.42 13.72
CA MET C 164 -24.91 31.67 13.98
C MET C 164 -24.52 32.62 15.10
N TYR C 165 -25.45 33.39 15.64
CA TYR C 165 -25.13 34.33 16.72
C TYR C 165 -25.37 33.82 18.13
N ASP C 166 -26.12 32.72 18.23
CA ASP C 166 -26.48 32.10 19.50
C ASP C 166 -25.27 31.61 20.31
N ASN C 167 -25.34 31.79 21.62
CA ASN C 167 -24.31 31.39 22.55
C ASN C 167 -24.82 30.00 22.94
N TYR C 168 -24.11 28.95 22.51
CA TYR C 168 -24.53 27.58 22.82
C TYR C 168 -23.87 26.99 24.06
N GLU C 169 -23.37 27.87 24.92
CA GLU C 169 -22.70 27.47 26.16
C GLU C 169 -23.25 26.31 26.99
N ASN C 170 -22.36 25.37 27.22
CA ASN C 170 -22.69 24.19 27.99
C ASN C 170 -23.83 23.38 27.39
N LYS C 171 -23.94 23.44 26.07
CA LYS C 171 -24.97 22.71 25.35
C LYS C 171 -24.26 21.79 24.38
N GLY C 172 -24.70 20.54 24.36
CA GLY C 172 -24.10 19.59 23.47
C GLY C 172 -22.76 19.10 23.96
N VAL C 173 -22.17 18.22 23.17
CA VAL C 173 -20.89 17.66 23.51
C VAL C 173 -19.70 18.43 22.97
N ASP C 174 -18.80 18.84 23.87
CA ASP C 174 -17.60 19.57 23.45
C ASP C 174 -16.57 18.49 23.15
N GLN C 175 -16.68 17.85 21.99
CA GLN C 175 -15.76 16.78 21.61
C GLN C 175 -14.31 17.23 21.64
N LEU C 176 -14.08 18.40 21.04
CA LEU C 176 -12.74 18.94 20.99
C LEU C 176 -12.07 18.88 22.36
N LYS C 177 -12.73 19.39 23.39
CA LYS C 177 -12.15 19.36 24.72
C LYS C 177 -12.02 17.95 25.24
N ASN C 178 -13.00 17.10 24.92
CA ASN C 178 -12.94 15.74 25.38
C ASN C 178 -11.80 14.95 24.77
N ILE C 179 -11.45 15.20 23.51
CA ILE C 179 -10.35 14.44 22.92
C ILE C 179 -9.05 14.95 23.46
N ILE C 180 -9.03 16.20 23.89
CA ILE C 180 -7.79 16.71 24.43
C ILE C 180 -7.57 16.06 25.81
N ASN C 181 -8.62 15.87 26.59
CA ASN C 181 -8.47 15.24 27.91
C ASN C 181 -8.15 13.75 27.82
N LEU C 182 -8.65 13.08 26.79
CA LEU C 182 -8.37 11.66 26.66
C LEU C 182 -6.90 11.50 26.28
N ILE C 183 -6.39 12.36 25.41
CA ILE C 183 -5.01 12.26 25.00
C ILE C 183 -4.06 12.53 26.17
N LYS C 184 -4.47 13.39 27.08
CA LYS C 184 -3.66 13.71 28.24
C LYS C 184 -3.77 12.68 29.36
N ASN C 185 -5.00 12.28 29.69
CA ASN C 185 -5.18 11.31 30.77
C ASN C 185 -5.39 9.85 30.40
N ASP C 186 -5.73 9.52 29.15
CA ASP C 186 -5.92 8.16 28.77
C ASP C 186 -5.39 8.07 27.33
N PRO C 187 -4.07 8.11 27.18
CA PRO C 187 -3.43 8.06 25.87
C PRO C 187 -3.60 6.81 25.02
N THR C 188 -3.72 5.67 25.69
CA THR C 188 -3.89 4.40 25.00
C THR C 188 -5.32 4.10 24.50
N SER C 189 -6.24 4.98 24.83
CA SER C 189 -7.64 4.83 24.42
C SER C 189 -7.80 4.73 22.91
N ARG C 190 -8.72 3.88 22.51
CA ARG C 190 -9.01 3.67 21.13
C ARG C 190 -10.35 4.31 20.78
N ARG C 191 -10.74 5.28 21.59
CA ARG C 191 -11.99 6.02 21.41
C ARG C 191 -11.74 7.50 21.25
N ILE C 192 -10.52 7.87 20.90
CA ILE C 192 -10.23 9.28 20.71
C ILE C 192 -10.57 9.73 19.29
N LEU C 193 -11.86 9.97 19.04
CA LEU C 193 -12.33 10.41 17.72
C LEU C 193 -13.04 11.76 17.80
N LEU C 194 -12.86 12.57 16.76
CA LEU C 194 -13.46 13.90 16.64
C LEU C 194 -14.29 13.68 15.36
N CYS C 195 -15.62 13.68 15.49
CA CYS C 195 -16.50 13.46 14.35
C CYS C 195 -17.38 14.65 14.00
N ALA C 196 -17.34 15.06 12.74
CA ALA C 196 -18.13 16.20 12.28
C ALA C 196 -19.42 15.76 11.58
N TRP C 197 -19.50 14.47 11.25
CA TRP C 197 -20.66 13.93 10.58
C TRP C 197 -21.81 13.61 11.52
N ASN C 198 -22.60 14.64 11.83
CA ASN C 198 -23.75 14.49 12.71
C ASN C 198 -24.93 14.19 11.80
N VAL C 199 -25.30 12.92 11.72
CA VAL C 199 -26.40 12.47 10.90
C VAL C 199 -27.67 13.28 11.05
N LYS C 200 -28.01 13.62 12.28
CA LYS C 200 -29.22 14.40 12.51
C LYS C 200 -29.17 15.82 11.96
N ASP C 201 -27.99 16.42 11.94
CA ASP C 201 -27.84 17.79 11.43
C ASP C 201 -27.46 18.00 9.97
N LEU C 202 -27.22 16.93 9.23
CA LEU C 202 -26.82 17.07 7.84
C LEU C 202 -27.65 18.01 6.97
N ASP C 203 -28.95 17.82 6.92
CA ASP C 203 -29.80 18.67 6.11
C ASP C 203 -29.82 20.15 6.54
N GLN C 204 -29.35 20.42 7.75
CA GLN C 204 -29.35 21.79 8.23
C GLN C 204 -28.03 22.51 7.91
N MET C 205 -27.03 21.74 7.49
CA MET C 205 -25.71 22.28 7.14
C MET C 205 -25.69 22.76 5.71
N ALA C 206 -24.90 23.80 5.41
CA ALA C 206 -24.81 24.31 4.04
C ALA C 206 -24.46 23.08 3.15
N LEU C 207 -23.66 22.17 3.69
CA LEU C 207 -23.27 20.95 3.00
C LEU C 207 -22.63 20.04 4.01
N PRO C 208 -22.85 18.72 3.88
CA PRO C 208 -22.31 17.69 4.78
C PRO C 208 -20.79 17.79 4.79
N PRO C 209 -20.16 17.55 5.93
CA PRO C 209 -18.70 17.65 5.98
C PRO C 209 -17.96 16.71 5.02
N CYS C 210 -16.89 17.18 4.42
CA CYS C 210 -16.13 16.33 3.50
C CYS C 210 -15.16 15.52 4.37
N HIS C 211 -14.81 16.11 5.50
CA HIS C 211 -13.90 15.51 6.47
C HIS C 211 -14.73 14.97 7.62
N ILE C 212 -15.03 13.69 7.50
CA ILE C 212 -15.84 12.95 8.46
C ILE C 212 -15.36 12.90 9.88
N LEU C 213 -14.12 12.47 10.08
CA LEU C 213 -13.58 12.37 11.43
C LEU C 213 -12.09 12.28 11.47
N CYS C 214 -11.58 12.45 12.69
CA CYS C 214 -10.16 12.38 12.97
C CYS C 214 -10.03 11.41 14.13
N GLN C 215 -9.07 10.50 14.07
CA GLN C 215 -8.90 9.58 15.19
C GLN C 215 -7.46 9.81 15.61
N PHE C 216 -7.18 9.76 16.92
CA PHE C 216 -5.82 9.96 17.38
C PHE C 216 -5.26 8.69 17.99
N TYR C 217 -3.94 8.61 17.94
CA TYR C 217 -3.15 7.49 18.44
C TYR C 217 -1.92 8.03 19.19
N VAL C 218 -1.73 7.54 20.42
CA VAL C 218 -0.60 7.98 21.22
C VAL C 218 0.32 6.85 21.61
N PHE C 219 1.61 7.03 21.37
CA PHE C 219 2.61 6.01 21.72
C PHE C 219 3.95 6.64 21.97
N ASP C 220 4.56 6.35 23.12
CA ASP C 220 5.85 6.89 23.49
C ASP C 220 5.95 8.39 23.29
N GLY C 221 4.98 9.11 23.83
CA GLY C 221 4.95 10.55 23.72
C GLY C 221 4.77 11.15 22.35
N LYS C 222 4.28 10.38 21.38
CA LYS C 222 4.08 10.88 20.02
C LYS C 222 2.61 10.72 19.60
N LEU C 223 2.07 11.76 18.99
CA LEU C 223 0.68 11.74 18.53
C LEU C 223 0.48 11.65 17.04
N SER C 224 -0.26 10.62 16.61
CA SER C 224 -0.54 10.42 15.19
C SER C 224 -2.03 10.69 14.98
N CYS C 225 -2.40 11.07 13.76
CA CYS C 225 -3.78 11.34 13.49
C CYS C 225 -4.24 10.81 12.15
N ILE C 226 -5.41 10.17 12.14
CA ILE C 226 -5.97 9.64 10.91
C ILE C 226 -7.20 10.50 10.65
N MET C 227 -7.37 10.90 9.40
CA MET C 227 -8.53 11.71 9.03
C MET C 227 -9.14 10.97 7.86
N TYR C 228 -10.45 10.71 7.95
CA TYR C 228 -11.16 10.01 6.89
C TYR C 228 -11.98 11.02 6.09
N GLN C 229 -11.69 11.11 4.78
CA GLN C 229 -12.38 12.04 3.89
C GLN C 229 -13.30 11.27 2.95
N ARG C 230 -14.60 11.57 3.02
CA ARG C 230 -15.59 10.90 2.19
C ARG C 230 -15.53 11.32 0.74
N SER C 231 -15.22 12.58 0.50
CA SER C 231 -15.17 13.07 -0.87
C SER C 231 -13.89 13.86 -1.06
N CYS C 232 -13.12 13.53 -2.09
CA CYS C 232 -11.86 14.24 -2.33
C CYS C 232 -11.55 14.78 -3.72
N ASP C 233 -11.40 16.09 -3.80
CA ASP C 233 -11.08 16.78 -5.04
C ASP C 233 -9.56 16.77 -5.03
N LEU C 234 -8.97 15.82 -5.74
CA LEU C 234 -7.53 15.67 -5.81
C LEU C 234 -6.77 16.86 -6.34
N GLY C 235 -7.28 17.47 -7.41
CA GLY C 235 -6.60 18.61 -7.98
C GLY C 235 -6.63 19.90 -7.19
N LEU C 236 -7.76 20.21 -6.55
CA LEU C 236 -7.87 21.45 -5.78
C LEU C 236 -8.01 21.36 -4.29
N GLY C 237 -8.81 20.42 -3.84
CA GLY C 237 -9.01 20.28 -2.42
C GLY C 237 -7.97 19.61 -1.58
N VAL C 238 -7.63 18.37 -1.95
CA VAL C 238 -6.64 17.61 -1.22
C VAL C 238 -5.36 18.34 -0.82
N PRO C 239 -4.70 19.05 -1.75
CA PRO C 239 -3.47 19.74 -1.36
C PRO C 239 -3.68 20.53 -0.08
N PHE C 240 -4.78 21.29 -0.01
CA PHE C 240 -5.10 22.09 1.19
C PHE C 240 -5.54 21.23 2.41
N ASN C 241 -6.32 20.18 2.17
CA ASN C 241 -6.79 19.30 3.25
C ASN C 241 -5.62 18.65 4.00
N ILE C 242 -4.60 18.20 3.27
CA ILE C 242 -3.43 17.57 3.89
C ILE C 242 -2.76 18.62 4.80
N ALA C 243 -2.64 19.85 4.32
CA ALA C 243 -2.02 20.89 5.12
C ALA C 243 -2.88 21.19 6.35
N SER C 244 -4.18 21.38 6.13
CA SER C 244 -5.12 21.68 7.22
C SER C 244 -5.04 20.73 8.39
N TYR C 245 -5.12 19.44 8.11
CA TYR C 245 -5.06 18.47 9.18
C TYR C 245 -3.68 18.23 9.77
N SER C 246 -2.62 18.49 9.01
CA SER C 246 -1.28 18.29 9.53
C SER C 246 -1.08 19.41 10.58
N ILE C 247 -1.57 20.62 10.28
CA ILE C 247 -1.43 21.74 11.21
C ILE C 247 -2.26 21.43 12.45
N PHE C 248 -3.45 20.88 12.26
CA PHE C 248 -4.29 20.55 13.39
C PHE C 248 -3.61 19.51 14.27
N THR C 249 -2.97 18.52 13.65
CA THR C 249 -2.27 17.47 14.40
C THR C 249 -1.17 18.11 15.27
N HIS C 250 -0.48 19.10 14.74
CA HIS C 250 0.59 19.78 15.47
C HIS C 250 -0.02 20.56 16.66
N MET C 251 -1.12 21.26 16.39
CA MET C 251 -1.77 22.03 17.43
C MET C 251 -2.19 21.16 18.60
N ILE C 252 -2.85 20.05 18.31
CA ILE C 252 -3.31 19.14 19.35
C ILE C 252 -2.12 18.52 20.08
N ALA C 253 -1.09 18.14 19.34
CA ALA C 253 0.09 17.54 19.96
C ALA C 253 0.72 18.52 20.96
N GLN C 254 0.93 19.76 20.54
CA GLN C 254 1.52 20.76 21.41
C GLN C 254 0.73 21.06 22.70
N VAL C 255 -0.58 21.28 22.61
CA VAL C 255 -1.39 21.58 23.81
C VAL C 255 -1.54 20.37 24.71
N CYS C 256 -1.04 19.23 24.23
CA CYS C 256 -1.11 17.99 25.00
C CYS C 256 0.30 17.54 25.43
N ASN C 257 1.29 18.36 25.12
CA ASN C 257 2.67 18.06 25.46
C ASN C 257 3.19 16.79 24.80
N LEU C 258 2.90 16.63 23.52
CA LEU C 258 3.38 15.45 22.83
C LEU C 258 4.10 15.96 21.58
N GLN C 259 4.75 15.06 20.87
CA GLN C 259 5.44 15.48 19.66
C GLN C 259 4.60 14.93 18.51
N PRO C 260 4.44 15.69 17.44
CA PRO C 260 3.63 15.13 16.36
C PRO C 260 4.38 14.02 15.64
N ALA C 261 3.64 13.00 15.22
CA ALA C 261 4.23 11.87 14.53
C ALA C 261 3.69 11.78 13.11
N GLN C 262 2.70 10.94 12.91
CA GLN C 262 2.13 10.79 11.58
C GLN C 262 0.73 11.33 11.35
N PHE C 263 0.48 11.84 10.16
CA PHE C 263 -0.82 12.35 9.81
C PHE C 263 -1.14 11.34 8.70
N ILE C 264 -2.21 10.57 8.87
CA ILE C 264 -2.63 9.57 7.91
C ILE C 264 -3.94 10.02 7.29
N HIS C 265 -3.92 10.19 5.99
CA HIS C 265 -5.08 10.64 5.23
C HIS C 265 -5.76 9.46 4.52
N VAL C 266 -7.04 9.22 4.84
CA VAL C 266 -7.76 8.13 4.20
C VAL C 266 -8.76 8.76 3.21
N LEU C 267 -8.67 8.35 1.95
CA LEU C 267 -9.54 8.89 0.92
C LEU C 267 -10.63 7.91 0.51
N GLY C 268 -11.87 8.34 0.63
CA GLY C 268 -12.99 7.50 0.25
C GLY C 268 -13.16 7.70 -1.24
N ASN C 269 -14.12 8.53 -1.64
CA ASN C 269 -14.33 8.77 -3.07
C ASN C 269 -13.30 9.81 -3.50
N ALA C 270 -12.29 9.36 -4.24
CA ALA C 270 -11.21 10.20 -4.74
C ALA C 270 -11.41 10.49 -6.21
N HIS C 271 -11.63 11.74 -6.56
CA HIS C 271 -11.83 12.07 -7.94
C HIS C 271 -10.97 13.23 -8.47
N VAL C 272 -10.84 13.27 -9.79
CA VAL C 272 -10.09 14.30 -10.48
C VAL C 272 -11.06 14.87 -11.49
N TYR C 273 -11.32 16.18 -11.45
CA TYR C 273 -12.24 16.80 -12.40
C TYR C 273 -11.59 16.85 -13.76
N ASN C 274 -12.33 16.50 -14.81
CA ASN C 274 -11.79 16.50 -16.17
C ASN C 274 -11.09 17.81 -16.47
N ASN C 275 -11.68 18.93 -16.05
CA ASN C 275 -11.10 20.26 -16.29
C ASN C 275 -9.71 20.46 -15.67
N HIS C 276 -9.32 19.59 -14.74
CA HIS C 276 -8.02 19.71 -14.09
C HIS C 276 -6.96 18.83 -14.70
N ILE C 277 -7.36 17.90 -15.54
CA ILE C 277 -6.40 16.98 -16.18
C ILE C 277 -5.16 17.61 -16.79
N ASP C 278 -5.34 18.52 -17.75
CA ASP C 278 -4.19 19.16 -18.37
C ASP C 278 -3.25 19.74 -17.35
N SER C 279 -3.82 20.48 -16.39
CA SER C 279 -3.01 21.08 -15.36
C SER C 279 -2.28 20.04 -14.51
N LEU C 280 -2.96 18.97 -14.13
CA LEU C 280 -2.31 17.95 -13.32
C LEU C 280 -1.21 17.25 -14.13
N LYS C 281 -1.37 17.15 -15.46
CA LYS C 281 -0.34 16.51 -16.28
C LYS C 281 0.93 17.35 -16.14
N ILE C 282 0.78 18.66 -16.11
CA ILE C 282 1.94 19.52 -15.97
C ILE C 282 2.58 19.29 -14.59
N GLN C 283 1.75 19.28 -13.55
CA GLN C 283 2.26 19.09 -12.21
C GLN C 283 3.02 17.78 -12.04
N LEU C 284 2.50 16.68 -12.58
CA LEU C 284 3.18 15.39 -12.47
C LEU C 284 4.57 15.36 -13.07
N ASN C 285 4.84 16.25 -14.02
CA ASN C 285 6.16 16.28 -14.63
C ASN C 285 7.11 17.22 -13.90
N ARG C 286 6.72 17.65 -12.70
CA ARG C 286 7.57 18.53 -11.93
C ARG C 286 8.18 17.66 -10.83
N ILE C 287 9.45 17.86 -10.52
CA ILE C 287 10.08 17.06 -9.48
C ILE C 287 9.98 17.81 -8.16
N PRO C 288 9.51 17.12 -7.12
CA PRO C 288 9.37 17.76 -5.83
C PRO C 288 10.67 18.34 -5.20
N TYR C 289 10.49 19.36 -4.38
CA TYR C 289 11.54 20.06 -3.67
C TYR C 289 11.37 19.57 -2.23
N PRO C 290 12.45 19.57 -1.43
CA PRO C 290 12.27 19.12 -0.06
C PRO C 290 11.20 19.97 0.62
N PHE C 291 10.35 19.29 1.39
CA PHE C 291 9.28 19.97 2.09
C PHE C 291 9.79 21.03 3.04
N PRO C 292 8.91 21.96 3.44
CA PRO C 292 9.25 23.05 4.37
C PRO C 292 8.96 22.53 5.78
N THR C 293 9.00 23.42 6.78
CA THR C 293 8.72 23.03 8.15
C THR C 293 7.67 23.97 8.74
N LEU C 294 6.94 23.49 9.73
CA LEU C 294 5.93 24.28 10.40
C LEU C 294 6.34 24.55 11.83
N LYS C 295 6.24 25.80 12.24
CA LYS C 295 6.60 26.16 13.61
C LYS C 295 5.44 26.88 14.28
N LEU C 296 5.07 26.41 15.46
CA LEU C 296 3.98 27.01 16.21
C LEU C 296 4.61 27.78 17.34
N ASN C 297 3.94 28.83 17.78
CA ASN C 297 4.43 29.64 18.90
C ASN C 297 4.42 28.66 20.05
N PRO C 298 5.59 28.39 20.66
CA PRO C 298 5.65 27.42 21.77
C PRO C 298 4.98 27.79 23.09
N ASP C 299 4.52 29.03 23.24
CA ASP C 299 3.89 29.42 24.49
C ASP C 299 2.41 29.09 24.56
N ILE C 300 1.80 28.71 23.45
CA ILE C 300 0.38 28.37 23.42
C ILE C 300 0.17 27.00 24.03
N LYS C 301 -0.57 26.93 25.13
CA LYS C 301 -0.82 25.65 25.79
C LYS C 301 -2.28 25.20 25.82
N ASN C 302 -3.17 26.00 25.22
CA ASN C 302 -4.58 25.65 25.17
C ASN C 302 -5.01 25.79 23.74
N ILE C 303 -5.66 24.74 23.22
CA ILE C 303 -6.13 24.73 21.84
C ILE C 303 -6.91 25.99 21.44
N GLU C 304 -7.56 26.63 22.40
CA GLU C 304 -8.34 27.83 22.15
C GLU C 304 -7.56 29.14 22.09
N ASP C 305 -6.30 29.10 22.50
CA ASP C 305 -5.46 30.30 22.49
C ASP C 305 -4.62 30.63 21.26
N PHE C 306 -4.71 29.84 20.19
CA PHE C 306 -3.91 30.11 18.99
C PHE C 306 -4.48 31.27 18.15
N THR C 307 -3.60 32.07 17.56
CA THR C 307 -4.02 33.19 16.72
C THR C 307 -3.22 33.04 15.43
N ILE C 308 -3.63 33.75 14.39
CA ILE C 308 -2.95 33.66 13.12
C ILE C 308 -1.42 33.87 13.12
N SER C 309 -0.93 34.70 14.02
CA SER C 309 0.51 34.95 14.09
C SER C 309 1.29 33.92 14.89
N ASP C 310 0.64 32.85 15.31
CA ASP C 310 1.33 31.82 16.08
C ASP C 310 1.80 30.72 15.13
N PHE C 311 1.64 30.95 13.83
CA PHE C 311 2.02 29.99 12.80
C PHE C 311 3.02 30.50 11.77
N THR C 312 4.04 29.70 11.51
CA THR C 312 5.06 30.07 10.53
C THR C 312 5.49 28.85 9.73
N ILE C 313 5.41 28.95 8.42
CA ILE C 313 5.80 27.88 7.51
C ILE C 313 7.18 28.34 7.08
N GLN C 314 8.19 27.50 7.23
CA GLN C 314 9.54 27.91 6.84
C GLN C 314 10.19 27.14 5.73
N ASN C 315 11.00 27.85 4.95
CA ASN C 315 11.72 27.27 3.84
C ASN C 315 10.85 26.56 2.84
N TYR C 316 9.76 27.22 2.47
CA TYR C 316 8.86 26.63 1.50
C TYR C 316 9.49 26.91 0.14
N VAL C 317 9.92 25.84 -0.54
CA VAL C 317 10.53 25.94 -1.87
C VAL C 317 9.49 25.27 -2.76
N HIS C 318 8.98 26.01 -3.73
CA HIS C 318 7.95 25.43 -4.58
C HIS C 318 8.01 25.82 -6.04
N HIS C 319 7.29 25.08 -6.87
CA HIS C 319 7.23 25.35 -8.30
C HIS C 319 6.21 26.47 -8.50
N GLU C 320 6.17 26.96 -9.72
CA GLU C 320 5.27 28.04 -10.10
C GLU C 320 3.82 27.69 -9.77
N LYS C 321 3.03 28.69 -9.34
CA LYS C 321 1.64 28.38 -9.04
C LYS C 321 0.95 27.92 -10.30
N ILE C 322 -0.09 27.10 -10.13
CA ILE C 322 -0.85 26.56 -11.25
C ILE C 322 -2.36 26.74 -11.09
N SER C 323 -3.02 27.15 -12.16
CA SER C 323 -4.47 27.32 -12.09
C SER C 323 -4.99 25.96 -12.56
N MET C 324 -5.60 25.20 -11.65
CA MET C 324 -6.11 23.88 -12.00
C MET C 324 -7.12 23.97 -13.13
N ASP C 325 -7.82 25.09 -13.15
CA ASP C 325 -8.83 25.34 -14.17
C ASP C 325 -8.26 26.40 -15.10
N MET C 326 -7.87 25.99 -16.30
CA MET C 326 -7.30 26.92 -17.26
C MET C 326 -8.31 27.68 -18.11
N ALA C 327 -9.56 27.77 -17.64
CA ALA C 327 -10.63 28.46 -18.36
C ALA C 327 -10.47 29.98 -18.20
N ALA C 328 -10.69 30.73 -19.28
CA ALA C 328 -10.55 32.19 -19.21
C ALA C 328 -11.77 32.96 -19.73
N ASP D 3 22.37 -0.84 -15.71
CA ASP D 3 21.43 -1.90 -15.23
C ASP D 3 21.53 -2.07 -13.72
N ASP D 4 22.73 -2.40 -13.24
CA ASP D 4 22.95 -2.59 -11.79
C ASP D 4 23.27 -1.17 -11.32
N GLU D 5 23.52 -0.34 -12.32
CA GLU D 5 23.83 1.08 -12.19
C GLU D 5 22.93 1.63 -11.09
N GLU D 6 21.63 1.59 -11.37
CA GLU D 6 20.60 2.08 -10.44
C GLU D 6 20.29 1.13 -9.26
N GLU D 7 20.91 -0.04 -9.24
CA GLU D 7 20.69 -1.02 -8.16
C GLU D 7 21.38 -0.60 -6.86
N ASP D 8 22.63 -0.14 -6.94
CA ASP D 8 23.35 0.29 -5.74
C ASP D 8 22.63 1.50 -5.15
N ASP D 9 22.02 2.29 -6.04
CA ASP D 9 21.30 3.47 -5.59
C ASP D 9 20.22 3.08 -4.59
N PHE D 10 19.69 1.87 -4.72
CA PHE D 10 18.65 1.39 -3.81
C PHE D 10 19.24 1.31 -2.41
N VAL D 11 20.43 0.76 -2.30
CA VAL D 11 21.09 0.64 -1.00
C VAL D 11 21.35 2.01 -0.36
N TYR D 12 21.72 3.00 -1.16
CA TYR D 12 21.99 4.32 -0.59
C TYR D 12 20.73 4.95 0.00
N PHE D 13 19.61 4.81 -0.70
CA PHE D 13 18.37 5.39 -0.22
C PHE D 13 17.83 4.72 1.04
N ASN D 14 18.37 3.55 1.38
CA ASN D 14 17.94 2.84 2.56
C ASN D 14 18.99 3.00 3.66
N PHE D 15 19.89 3.95 3.45
CA PHE D 15 20.98 4.23 4.40
C PHE D 15 20.56 4.54 5.84
N ASN D 16 19.38 5.13 6.01
CA ASN D 16 18.96 5.45 7.37
C ASN D 16 17.97 4.46 7.93
N LYS D 17 17.99 3.24 7.41
CA LYS D 17 17.04 2.29 7.93
C LYS D 17 17.54 1.38 9.01
N GLU D 18 16.61 1.11 9.90
CA GLU D 18 16.85 0.23 11.02
C GLU D 18 17.36 -1.12 10.50
N LYS D 19 18.50 -1.52 11.02
CA LYS D 19 19.03 -2.79 10.58
C LYS D 19 18.18 -4.04 10.83
N GLU D 20 17.50 -4.14 11.98
CA GLU D 20 16.67 -5.30 12.23
C GLU D 20 15.29 -4.83 12.64
N GLU D 21 14.33 -5.71 12.48
CA GLU D 21 12.96 -5.42 12.83
C GLU D 21 12.91 -5.34 14.36
N LYS D 22 12.10 -4.42 14.85
CA LYS D 22 11.89 -4.11 16.28
C LYS D 22 11.73 -5.20 17.35
N ASN D 23 10.72 -6.06 17.22
CA ASN D 23 10.50 -7.12 18.20
C ASN D 23 10.83 -8.44 17.52
N LYS D 24 11.67 -8.39 16.50
CA LYS D 24 12.05 -9.60 15.78
C LYS D 24 12.60 -10.52 16.83
N ASN D 25 13.28 -9.87 17.78
CA ASN D 25 13.93 -10.46 18.94
C ASN D 25 12.92 -11.29 19.73
N SER D 26 11.69 -10.78 19.82
CA SER D 26 10.62 -11.47 20.54
C SER D 26 9.76 -12.38 19.66
N ILE D 27 9.74 -12.11 18.36
CA ILE D 27 8.93 -12.93 17.47
C ILE D 27 9.69 -14.15 16.92
N HIS D 28 10.95 -13.95 16.59
CA HIS D 28 11.75 -15.09 16.05
C HIS D 28 11.46 -15.90 14.80
N PRO D 29 12.03 -15.54 13.64
CA PRO D 29 11.98 -16.14 12.29
C PRO D 29 12.13 -17.65 11.96
N ASN D 30 12.88 -18.49 12.67
CA ASN D 30 12.87 -19.89 12.18
C ASN D 30 11.38 -20.18 12.27
N ASP D 31 10.76 -19.50 13.21
CA ASP D 31 9.33 -19.63 13.47
C ASP D 31 8.42 -19.43 12.24
N PHE D 32 8.50 -18.29 11.55
CA PHE D 32 7.65 -18.06 10.35
C PHE D 32 8.54 -18.55 9.22
N GLN D 33 8.76 -19.85 9.12
CA GLN D 33 9.62 -20.34 8.05
C GLN D 33 8.97 -20.80 6.76
N ILE D 34 7.65 -20.91 6.76
CA ILE D 34 6.97 -21.34 5.57
C ILE D 34 6.48 -20.03 4.97
N TYR D 35 6.11 -19.10 5.84
CA TYR D 35 5.63 -17.79 5.44
C TYR D 35 6.74 -17.04 4.71
N ASN D 36 7.97 -17.20 5.18
CA ASN D 36 9.09 -16.54 4.55
C ASN D 36 9.69 -17.32 3.38
N SER D 37 9.25 -18.56 3.22
CA SER D 37 9.76 -19.39 2.14
C SER D 37 8.94 -19.14 0.87
N LEU D 38 7.80 -18.46 1.00
CA LEU D 38 6.98 -18.19 -0.16
C LEU D 38 7.52 -17.03 -0.96
N LYS D 39 7.64 -17.24 -2.26
CA LYS D 39 8.15 -16.20 -3.13
C LYS D 39 7.01 -15.26 -3.49
N TYR D 40 5.92 -15.83 -3.98
CA TYR D 40 4.76 -15.02 -4.37
C TYR D 40 3.53 -15.33 -3.55
N LYS D 41 3.05 -14.35 -2.80
CA LYS D 41 1.87 -14.54 -1.96
C LYS D 41 0.87 -13.54 -2.46
N TYR D 42 0.13 -13.96 -3.48
CA TYR D 42 -0.89 -13.10 -4.09
C TYR D 42 -2.29 -13.45 -3.66
N HIS D 43 -2.45 -14.50 -2.88
CA HIS D 43 -3.77 -14.90 -2.41
C HIS D 43 -4.22 -13.73 -1.53
N PRO D 44 -5.48 -13.28 -1.65
CA PRO D 44 -5.95 -12.16 -0.82
C PRO D 44 -5.80 -12.32 0.70
N GLU D 45 -5.90 -13.56 1.19
CA GLU D 45 -5.77 -13.78 2.62
C GLU D 45 -4.47 -13.21 3.12
N TYR D 46 -3.48 -13.04 2.24
CA TYR D 46 -2.21 -12.47 2.70
C TYR D 46 -2.33 -10.99 3.10
N GLN D 47 -3.39 -10.32 2.65
CA GLN D 47 -3.57 -8.92 3.02
C GLN D 47 -3.75 -8.93 4.51
N TYR D 48 -4.45 -9.94 5.01
CA TYR D 48 -4.68 -10.06 6.45
C TYR D 48 -3.40 -10.58 7.12
N LEU D 49 -2.87 -11.70 6.62
CA LEU D 49 -1.65 -12.29 7.19
C LEU D 49 -0.45 -11.34 7.21
N ASN D 50 -0.26 -10.55 6.15
CA ASN D 50 0.85 -9.60 6.10
C ASN D 50 0.73 -8.54 7.18
N ILE D 51 -0.50 -8.19 7.55
CA ILE D 51 -0.69 -7.18 8.58
C ILE D 51 -0.36 -7.80 9.94
N ILE D 52 -0.66 -9.08 10.12
CA ILE D 52 -0.35 -9.75 11.39
C ILE D 52 1.18 -9.76 11.51
N TYR D 53 1.85 -10.10 10.41
CA TYR D 53 3.32 -10.14 10.39
C TYR D 53 3.88 -8.75 10.67
N ASP D 54 3.31 -7.74 10.04
CA ASP D 54 3.80 -6.39 10.23
C ASP D 54 3.65 -5.93 11.67
N ILE D 55 2.50 -6.20 12.27
CA ILE D 55 2.33 -5.77 13.65
C ILE D 55 3.27 -6.55 14.58
N MET D 56 3.37 -7.86 14.39
CA MET D 56 4.25 -8.62 15.24
C MET D 56 5.70 -8.13 15.18
N MET D 57 6.19 -7.87 13.97
CA MET D 57 7.57 -7.42 13.78
C MET D 57 7.85 -5.96 14.06
N ASN D 58 6.86 -5.09 13.86
CA ASN D 58 7.09 -3.67 14.11
C ASN D 58 6.10 -2.97 15.01
N GLY D 59 5.19 -3.72 15.59
CA GLY D 59 4.19 -3.15 16.47
C GLY D 59 4.77 -2.50 17.70
N ASN D 60 4.03 -1.54 18.24
CA ASN D 60 4.46 -0.84 19.42
C ASN D 60 3.87 -1.54 20.66
N LYS D 61 4.70 -1.82 21.66
CA LYS D 61 4.21 -2.48 22.88
C LYS D 61 3.40 -1.46 23.66
N GLN D 62 2.18 -1.84 24.04
CA GLN D 62 1.32 -0.95 24.80
C GLN D 62 0.55 -1.78 25.79
N SER D 63 0.15 -1.18 26.90
CA SER D 63 -0.60 -1.91 27.92
C SER D 63 -1.92 -1.23 28.18
N ASP D 64 -3.02 -1.95 27.90
CA ASP D 64 -4.35 -1.40 28.12
C ASP D 64 -4.46 -1.04 29.59
N ARG D 65 -5.46 -0.25 29.93
CA ARG D 65 -5.58 0.12 31.32
C ARG D 65 -6.08 -1.10 32.13
N THR D 66 -6.05 -2.26 31.46
CA THR D 66 -6.47 -3.54 32.05
C THR D 66 -5.32 -4.38 32.60
N GLY D 67 -4.10 -4.08 32.16
CA GLY D 67 -2.94 -4.81 32.60
C GLY D 67 -2.65 -5.79 31.49
N VAL D 68 -3.54 -5.83 30.48
CA VAL D 68 -3.39 -6.72 29.33
C VAL D 68 -2.39 -6.07 28.37
N GLY D 69 -1.72 -6.87 27.55
CA GLY D 69 -0.75 -6.29 26.65
C GLY D 69 -1.00 -6.52 25.17
N VAL D 70 -0.61 -5.58 24.32
CA VAL D 70 -0.81 -5.70 22.88
C VAL D 70 0.31 -5.07 22.08
N LEU D 71 0.31 -5.39 20.79
CA LEU D 71 1.29 -4.85 19.86
C LEU D 71 0.33 -4.08 18.95
N SER D 72 0.61 -2.80 18.72
CA SER D 72 -0.29 -2.03 17.88
C SER D 72 0.38 -1.16 16.82
N LYS D 73 -0.37 -0.83 15.77
CA LYS D 73 0.10 0.00 14.67
C LYS D 73 -1.11 0.86 14.33
N PHE D 74 -0.94 1.92 13.55
CA PHE D 74 -2.05 2.80 13.22
C PHE D 74 -2.25 3.06 11.72
N GLY D 75 -3.39 2.63 11.19
CA GLY D 75 -3.68 2.84 9.77
C GLY D 75 -3.27 1.80 8.73
N TYR D 76 -4.23 0.96 8.34
CA TYR D 76 -4.01 -0.09 7.36
C TYR D 76 -5.25 -0.13 6.48
N ILE D 77 -5.12 -0.76 5.32
CA ILE D 77 -6.24 -0.87 4.42
C ILE D 77 -6.16 -2.18 3.66
N MET D 78 -7.26 -2.92 3.65
CA MET D 78 -7.33 -4.20 2.95
C MET D 78 -8.48 -4.07 1.94
N LYS D 79 -8.36 -4.75 0.80
CA LYS D 79 -9.41 -4.69 -0.23
C LYS D 79 -9.68 -6.10 -0.71
N PHE D 80 -10.96 -6.44 -0.79
CA PHE D 80 -11.35 -7.76 -1.23
C PHE D 80 -12.32 -7.67 -2.39
N ASP D 81 -12.04 -8.42 -3.44
CA ASP D 81 -12.87 -8.45 -4.63
C ASP D 81 -14.03 -9.43 -4.47
N LEU D 82 -15.16 -8.95 -3.94
CA LEU D 82 -16.32 -9.79 -3.74
C LEU D 82 -16.88 -10.37 -5.01
N SER D 83 -16.43 -9.90 -6.17
CA SER D 83 -16.92 -10.44 -7.44
C SER D 83 -16.18 -11.72 -7.82
N GLN D 84 -15.04 -11.96 -7.16
CA GLN D 84 -14.23 -13.15 -7.44
C GLN D 84 -14.25 -14.17 -6.32
N TYR D 85 -14.55 -13.74 -5.10
CA TYR D 85 -14.58 -14.66 -3.97
C TYR D 85 -15.17 -14.07 -2.69
N PHE D 86 -15.44 -14.93 -1.71
CA PHE D 86 -15.98 -14.45 -0.45
C PHE D 86 -14.77 -14.57 0.46
N PRO D 87 -14.34 -13.44 1.03
CA PRO D 87 -13.17 -13.47 1.89
C PRO D 87 -13.25 -14.07 3.30
N LEU D 88 -13.57 -15.36 3.42
CA LEU D 88 -13.67 -16.02 4.71
C LEU D 88 -12.31 -16.65 4.91
N LEU D 89 -11.55 -16.17 5.91
CA LEU D 89 -10.21 -16.71 6.16
C LEU D 89 -10.16 -18.23 6.09
N THR D 90 -9.13 -18.75 5.43
CA THR D 90 -8.98 -20.20 5.32
C THR D 90 -7.85 -20.77 6.16
N THR D 91 -7.03 -19.91 6.75
CA THR D 91 -5.92 -20.43 7.57
C THR D 91 -6.34 -20.90 8.97
N LYS D 92 -7.65 -20.88 9.23
CA LYS D 92 -8.22 -21.33 10.50
C LYS D 92 -9.69 -21.45 10.26
N LYS D 93 -10.40 -22.17 11.12
CA LYS D 93 -11.84 -22.34 10.95
C LYS D 93 -12.71 -21.19 11.52
N LEU D 94 -13.59 -20.66 10.67
CA LEU D 94 -14.49 -19.58 11.05
C LEU D 94 -15.97 -19.99 10.89
N PHE D 95 -16.80 -19.55 11.83
CA PHE D 95 -18.25 -19.83 11.87
C PHE D 95 -19.00 -18.54 11.59
N LEU D 96 -20.09 -18.60 10.83
CA LEU D 96 -20.84 -17.39 10.51
C LEU D 96 -22.27 -17.22 10.97
N ARG D 97 -22.92 -18.25 11.50
CA ARG D 97 -24.31 -18.10 11.93
C ARG D 97 -24.49 -16.89 12.87
N GLY D 98 -23.64 -16.82 13.89
CA GLY D 98 -23.72 -15.72 14.84
C GLY D 98 -23.54 -14.34 14.26
N ILE D 99 -22.53 -14.13 13.41
CA ILE D 99 -22.37 -12.80 12.88
C ILE D 99 -23.47 -12.45 11.87
N ILE D 100 -24.10 -13.44 11.27
CA ILE D 100 -25.15 -13.12 10.32
C ILE D 100 -26.37 -12.66 11.16
N GLU D 101 -26.67 -13.38 12.24
CA GLU D 101 -27.78 -13.01 13.10
C GLU D 101 -27.57 -11.61 13.67
N GLU D 102 -26.32 -11.26 13.99
CA GLU D 102 -26.03 -9.94 14.55
C GLU D 102 -26.41 -8.88 13.50
N LEU D 103 -26.10 -9.17 12.25
CA LEU D 103 -26.40 -8.28 11.15
C LEU D 103 -27.93 -8.10 11.01
N LEU D 104 -28.66 -9.21 11.03
CA LEU D 104 -30.11 -9.18 10.92
C LEU D 104 -30.70 -8.38 12.08
N TRP D 105 -30.05 -8.49 13.23
CA TRP D 105 -30.44 -7.81 14.46
C TRP D 105 -30.22 -6.30 14.26
N PHE D 106 -29.09 -5.91 13.64
CA PHE D 106 -28.83 -4.48 13.42
C PHE D 106 -29.94 -3.94 12.50
N ILE D 107 -30.17 -4.64 11.39
CA ILE D 107 -31.20 -4.24 10.42
C ILE D 107 -32.57 -4.05 11.02
N ARG D 108 -32.90 -4.83 12.04
CA ARG D 108 -34.20 -4.68 12.66
C ARG D 108 -34.19 -3.43 13.57
N GLY D 109 -33.00 -2.90 13.85
CA GLY D 109 -32.91 -1.73 14.71
C GLY D 109 -32.90 -2.10 16.18
N GLU D 110 -32.77 -3.39 16.48
CA GLU D 110 -32.75 -3.85 17.87
C GLU D 110 -31.54 -3.42 18.68
N THR D 111 -31.72 -3.32 19.99
CA THR D 111 -30.66 -2.96 20.91
C THR D 111 -30.83 -3.89 22.09
N ASN D 112 -31.77 -4.82 21.95
CA ASN D 112 -32.09 -5.81 23.00
C ASN D 112 -31.16 -7.00 22.98
N GLY D 113 -30.22 -7.01 23.92
CA GLY D 113 -29.26 -8.09 24.04
C GLY D 113 -29.87 -9.49 24.21
N ASN D 114 -31.03 -9.60 24.86
CA ASN D 114 -31.67 -10.90 25.05
C ASN D 114 -31.97 -11.62 23.74
N THR D 115 -32.47 -10.89 22.74
CA THR D 115 -32.79 -11.50 21.45
C THR D 115 -31.63 -12.36 20.90
N LEU D 116 -30.41 -11.86 20.97
CA LEU D 116 -29.27 -12.63 20.47
C LEU D 116 -28.96 -13.80 21.39
N LEU D 117 -29.04 -13.59 22.72
CA LEU D 117 -28.75 -14.65 23.69
C LEU D 117 -29.70 -15.83 23.52
N ASN D 118 -30.97 -15.53 23.23
CA ASN D 118 -31.96 -16.58 23.03
C ASN D 118 -31.72 -17.41 21.78
N LYS D 119 -30.79 -16.95 20.93
CA LYS D 119 -30.43 -17.63 19.69
C LYS D 119 -28.97 -18.10 19.87
N ASN D 120 -28.51 -18.04 21.12
CA ASN D 120 -27.15 -18.46 21.44
C ASN D 120 -26.07 -17.73 20.63
N VAL D 121 -26.22 -16.41 20.52
CA VAL D 121 -25.26 -15.56 19.82
C VAL D 121 -24.85 -14.73 21.03
N ARG D 122 -23.66 -15.02 21.53
CA ARG D 122 -23.15 -14.32 22.71
C ARG D 122 -22.11 -13.24 22.51
N ILE D 123 -22.03 -12.74 21.29
CA ILE D 123 -21.11 -11.68 20.91
C ILE D 123 -21.16 -10.48 21.85
N TRP D 124 -22.38 -10.09 22.22
CA TRP D 124 -22.61 -8.96 23.10
C TRP D 124 -22.93 -9.28 24.54
N GLU D 125 -22.89 -10.55 24.92
CA GLU D 125 -23.21 -10.91 26.31
C GLU D 125 -22.44 -10.20 27.43
N ALA D 126 -21.12 -10.24 27.36
CA ALA D 126 -20.28 -9.61 28.37
C ALA D 126 -20.53 -8.12 28.48
N ASN D 127 -20.92 -7.49 27.38
CA ASN D 127 -21.18 -6.07 27.37
C ASN D 127 -22.51 -5.66 27.96
N GLY D 128 -23.36 -6.63 28.28
CA GLY D 128 -24.66 -6.33 28.85
C GLY D 128 -24.88 -6.77 30.30
N THR D 129 -23.84 -7.26 30.99
CA THR D 129 -24.01 -7.68 32.38
C THR D 129 -24.21 -6.50 33.32
N ARG D 130 -24.80 -6.78 34.48
CA ARG D 130 -25.05 -5.77 35.49
C ARG D 130 -23.74 -5.05 35.83
N GLU D 131 -22.67 -5.82 36.03
CA GLU D 131 -21.36 -5.25 36.38
C GLU D 131 -20.73 -4.43 35.28
N PHE D 132 -20.90 -4.83 34.02
CA PHE D 132 -20.31 -4.06 32.95
C PHE D 132 -21.08 -2.75 32.76
N LEU D 133 -22.40 -2.79 32.81
CA LEU D 133 -23.16 -1.55 32.64
C LEU D 133 -22.88 -0.56 33.81
N ASP D 134 -22.74 -1.07 35.03
CA ASP D 134 -22.47 -0.20 36.18
C ASP D 134 -21.10 0.46 36.04
N ASN D 135 -20.14 -0.31 35.55
CA ASN D 135 -18.80 0.24 35.38
C ASN D 135 -18.76 1.26 34.25
N ARG D 136 -19.82 1.30 33.44
CA ARG D 136 -19.94 2.24 32.32
C ARG D 136 -20.78 3.38 32.88
N LYS D 137 -21.15 3.25 34.15
CA LYS D 137 -21.97 4.24 34.86
C LYS D 137 -23.42 4.18 34.41
N LEU D 138 -23.81 3.06 33.80
CA LEU D 138 -25.18 2.89 33.31
C LEU D 138 -25.97 2.14 34.41
N PHE D 139 -26.02 2.78 35.59
CA PHE D 139 -26.71 2.23 36.75
C PHE D 139 -28.21 2.05 36.52
N HIS D 140 -28.75 2.88 35.62
CA HIS D 140 -30.16 2.82 35.31
C HIS D 140 -30.51 2.10 34.02
N ARG D 141 -29.59 1.26 33.56
CA ARG D 141 -29.84 0.52 32.34
C ARG D 141 -30.14 -0.92 32.73
N GLU D 142 -31.12 -1.53 32.07
CA GLU D 142 -31.50 -2.90 32.36
C GLU D 142 -30.47 -3.83 31.76
N VAL D 143 -30.26 -4.98 32.42
CA VAL D 143 -29.30 -5.98 31.98
C VAL D 143 -29.61 -6.38 30.54
N ASN D 144 -28.59 -6.35 29.71
CA ASN D 144 -28.68 -6.70 28.30
C ASN D 144 -29.32 -5.60 27.44
N ASP D 145 -29.63 -4.46 28.03
CA ASP D 145 -30.22 -3.36 27.25
C ASP D 145 -28.92 -2.63 26.89
N LEU D 146 -28.39 -2.89 25.70
CA LEU D 146 -27.13 -2.28 25.24
C LEU D 146 -27.14 -0.79 24.91
N GLY D 147 -28.31 -0.17 25.00
CA GLY D 147 -28.38 1.24 24.72
C GLY D 147 -28.49 1.57 23.24
N PRO D 148 -28.39 2.85 22.88
CA PRO D 148 -28.48 3.26 21.48
C PRO D 148 -27.27 2.89 20.62
N ILE D 149 -27.10 1.61 20.37
CA ILE D 149 -25.99 1.16 19.59
C ILE D 149 -26.41 1.02 18.13
N TYR D 150 -25.56 0.35 17.35
CA TYR D 150 -25.80 0.12 15.95
C TYR D 150 -27.21 0.18 15.39
N GLY D 151 -28.02 -0.79 15.75
CA GLY D 151 -29.38 -0.83 15.26
C GLY D 151 -30.16 0.42 15.50
N PHE D 152 -30.02 1.01 16.67
CA PHE D 152 -30.75 2.22 16.97
C PHE D 152 -30.23 3.34 16.07
N GLN D 153 -28.92 3.45 15.93
CA GLN D 153 -28.36 4.50 15.09
C GLN D 153 -28.69 4.29 13.60
N TRP D 154 -28.69 3.05 13.13
CA TRP D 154 -28.98 2.78 11.73
C TRP D 154 -30.40 3.11 11.34
N ARG D 155 -31.34 2.96 12.28
CA ARG D 155 -32.74 3.24 12.02
C ARG D 155 -33.36 4.46 12.70
N HIS D 156 -32.72 4.94 13.74
CA HIS D 156 -33.26 6.10 14.46
C HIS D 156 -32.29 7.19 14.98
N PHE D 157 -31.18 7.44 14.27
CA PHE D 157 -30.21 8.45 14.68
C PHE D 157 -30.87 9.79 15.04
N GLY D 158 -30.57 10.25 16.26
CA GLY D 158 -31.14 11.52 16.70
C GLY D 158 -32.31 11.34 17.63
N ALA D 159 -32.94 10.16 17.58
CA ALA D 159 -34.08 9.94 18.45
C ALA D 159 -33.54 9.85 19.85
N GLU D 160 -34.40 10.13 20.81
CA GLU D 160 -34.05 10.09 22.23
C GLU D 160 -34.24 8.63 22.67
N TYR D 161 -33.17 7.96 23.09
CA TYR D 161 -33.27 6.57 23.54
C TYR D 161 -33.96 6.47 24.91
N THR D 162 -34.85 5.51 25.07
CA THR D 162 -35.56 5.33 26.33
C THR D 162 -35.16 3.99 26.89
N ASN D 163 -35.55 2.91 26.23
CA ASN D 163 -35.23 1.55 26.68
C ASN D 163 -35.34 0.65 25.43
N MET D 164 -34.79 -0.54 25.51
CA MET D 164 -34.82 -1.45 24.37
C MET D 164 -36.15 -1.96 23.86
N TYR D 165 -37.21 -1.71 24.62
CA TYR D 165 -38.55 -2.18 24.24
C TYR D 165 -39.43 -1.12 23.64
N ASP D 166 -38.99 0.15 23.71
CA ASP D 166 -39.77 1.22 23.16
C ASP D 166 -39.99 1.11 21.64
N ASN D 167 -41.15 1.59 21.21
CA ASN D 167 -41.51 1.58 19.81
C ASN D 167 -40.99 2.91 19.25
N TYR D 168 -39.89 2.86 18.49
CA TYR D 168 -39.33 4.08 17.94
C TYR D 168 -39.78 4.33 16.51
N GLU D 169 -40.87 3.70 16.09
CA GLU D 169 -41.39 3.89 14.73
C GLU D 169 -41.44 5.36 14.30
N ASN D 170 -40.77 5.66 13.19
CA ASN D 170 -40.70 7.01 12.62
C ASN D 170 -39.95 8.04 13.43
N LYS D 171 -39.11 7.60 14.36
CA LYS D 171 -38.37 8.54 15.17
C LYS D 171 -36.90 8.55 14.74
N GLY D 172 -36.34 9.73 14.64
CA GLY D 172 -34.96 9.85 14.24
C GLY D 172 -34.74 9.58 12.76
N VAL D 173 -33.50 9.59 12.33
CA VAL D 173 -33.18 9.36 10.94
C VAL D 173 -32.90 7.91 10.59
N ASP D 174 -33.68 7.36 9.67
CA ASP D 174 -33.50 5.97 9.23
C ASP D 174 -32.40 6.01 8.16
N GLN D 175 -31.13 6.01 8.59
CA GLN D 175 -30.03 6.04 7.61
C GLN D 175 -29.99 4.83 6.70
N LEU D 176 -30.34 3.68 7.24
CA LEU D 176 -30.32 2.47 6.45
C LEU D 176 -31.18 2.63 5.21
N LYS D 177 -32.39 3.11 5.44
CA LYS D 177 -33.36 3.34 4.38
C LYS D 177 -32.80 4.44 3.44
N ASN D 178 -32.20 5.48 4.01
CA ASN D 178 -31.66 6.56 3.19
C ASN D 178 -30.49 6.18 2.30
N ILE D 179 -29.50 5.47 2.82
CA ILE D 179 -28.38 5.13 1.94
C ILE D 179 -28.87 4.22 0.81
N ILE D 180 -29.85 3.38 1.10
CA ILE D 180 -30.34 2.48 0.05
C ILE D 180 -31.04 3.29 -1.03
N ASN D 181 -31.83 4.29 -0.63
CA ASN D 181 -32.52 5.12 -1.58
C ASN D 181 -31.55 5.98 -2.37
N LEU D 182 -30.43 6.35 -1.74
CA LEU D 182 -29.43 7.17 -2.41
C LEU D 182 -28.77 6.32 -3.49
N ILE D 183 -28.41 5.10 -3.15
CA ILE D 183 -27.77 4.19 -4.09
C ILE D 183 -28.70 3.93 -5.32
N LYS D 184 -29.99 3.82 -5.09
CA LYS D 184 -30.93 3.58 -6.17
C LYS D 184 -31.21 4.78 -7.03
N ASN D 185 -31.40 5.94 -6.41
CA ASN D 185 -31.68 7.13 -7.18
C ASN D 185 -30.54 8.07 -7.50
N ASP D 186 -29.57 8.16 -6.60
CA ASP D 186 -28.43 9.03 -6.83
C ASP D 186 -27.11 8.23 -6.57
N PRO D 187 -26.79 7.27 -7.45
CA PRO D 187 -25.58 6.45 -7.29
C PRO D 187 -24.23 7.08 -7.29
N THR D 188 -24.11 8.21 -7.96
CA THR D 188 -22.81 8.86 -7.99
C THR D 188 -22.58 9.79 -6.79
N SER D 189 -23.52 9.76 -5.84
CA SER D 189 -23.45 10.60 -4.65
C SER D 189 -22.24 10.25 -3.80
N ARG D 190 -21.62 11.24 -3.18
CA ARG D 190 -20.47 10.94 -2.35
C ARG D 190 -20.83 11.14 -0.89
N ARG D 191 -22.12 10.97 -0.61
CA ARG D 191 -22.63 11.12 0.75
C ARG D 191 -23.38 9.87 1.19
N ILE D 192 -23.15 8.76 0.50
CA ILE D 192 -23.84 7.55 0.89
C ILE D 192 -23.08 6.92 2.06
N LEU D 193 -23.32 7.44 3.27
CA LEU D 193 -22.65 6.93 4.44
C LEU D 193 -23.62 6.41 5.49
N LEU D 194 -23.24 5.35 6.18
CA LEU D 194 -24.05 4.76 7.22
C LEU D 194 -23.14 4.90 8.43
N CYS D 195 -23.46 5.85 9.31
CA CYS D 195 -22.67 6.11 10.50
C CYS D 195 -23.27 5.73 11.86
N ALA D 196 -22.53 4.93 12.61
CA ALA D 196 -22.99 4.48 13.93
C ALA D 196 -22.38 5.30 15.07
N TRP D 197 -21.37 6.13 14.78
CA TRP D 197 -20.75 6.91 15.83
C TRP D 197 -21.53 8.19 16.12
N ASN D 198 -22.56 8.08 16.96
CA ASN D 198 -23.39 9.23 17.33
C ASN D 198 -22.76 9.81 18.62
N VAL D 199 -22.00 10.89 18.44
CA VAL D 199 -21.32 11.55 19.55
C VAL D 199 -22.18 11.91 20.77
N LYS D 200 -23.44 12.24 20.52
CA LYS D 200 -24.36 12.60 21.59
C LYS D 200 -24.79 11.42 22.46
N ASP D 201 -24.88 10.25 21.82
CA ASP D 201 -25.29 9.03 22.50
C ASP D 201 -24.17 8.10 23.01
N LEU D 202 -22.92 8.38 22.72
CA LEU D 202 -21.82 7.50 23.17
C LEU D 202 -21.82 6.98 24.61
N ASP D 203 -21.96 7.89 25.57
CA ASP D 203 -21.96 7.51 26.96
C ASP D 203 -23.12 6.60 27.37
N GLN D 204 -24.18 6.61 26.57
CA GLN D 204 -25.36 5.80 26.84
C GLN D 204 -25.21 4.42 26.23
N MET D 205 -24.22 4.22 25.37
CA MET D 205 -24.04 2.91 24.76
C MET D 205 -23.26 1.97 25.69
N ALA D 206 -23.53 0.67 25.62
CA ALA D 206 -22.84 -0.31 26.45
C ALA D 206 -21.39 -0.02 26.17
N LEU D 207 -21.10 0.27 24.91
CA LEU D 207 -19.74 0.62 24.49
C LEU D 207 -19.81 1.29 23.11
N PRO D 208 -18.91 2.26 22.83
CA PRO D 208 -18.88 2.98 21.54
C PRO D 208 -18.65 1.97 20.42
N PRO D 209 -19.23 2.23 19.24
CA PRO D 209 -19.06 1.28 18.13
C PRO D 209 -17.64 1.11 17.64
N CYS D 210 -17.26 -0.11 17.32
CA CYS D 210 -15.92 -0.34 16.82
C CYS D 210 -15.94 0.03 15.33
N HIS D 211 -17.04 -0.31 14.64
CA HIS D 211 -17.22 -0.04 13.22
C HIS D 211 -17.91 1.32 13.12
N ILE D 212 -17.11 2.36 12.90
CA ILE D 212 -17.60 3.72 12.81
C ILE D 212 -18.60 4.02 11.70
N LEU D 213 -18.28 3.63 10.48
CA LEU D 213 -19.16 3.92 9.38
C LEU D 213 -18.87 3.06 8.16
N CYS D 214 -19.77 3.16 7.20
CA CYS D 214 -19.65 2.44 5.94
C CYS D 214 -19.92 3.52 4.92
N GLN D 215 -19.14 3.53 3.84
CA GLN D 215 -19.37 4.53 2.81
C GLN D 215 -19.49 3.65 1.58
N PHE D 216 -20.40 3.99 0.68
CA PHE D 216 -20.60 3.22 -0.53
C PHE D 216 -20.21 3.98 -1.79
N TYR D 217 -19.85 3.22 -2.80
CA TYR D 217 -19.44 3.74 -4.09
C TYR D 217 -20.09 2.91 -5.18
N VAL D 218 -20.69 3.57 -6.16
CA VAL D 218 -21.34 2.85 -7.23
C VAL D 218 -20.82 3.21 -8.62
N PHE D 219 -20.37 2.20 -9.36
CA PHE D 219 -19.87 2.42 -10.70
C PHE D 219 -20.22 1.29 -11.65
N ASP D 220 -20.76 1.64 -12.81
CA ASP D 220 -21.15 0.66 -13.83
C ASP D 220 -21.94 -0.51 -13.26
N GLY D 221 -22.98 -0.19 -12.52
CA GLY D 221 -23.82 -1.22 -11.93
C GLY D 221 -23.14 -2.08 -10.88
N LYS D 222 -22.07 -1.57 -10.29
CA LYS D 222 -21.36 -2.33 -9.26
C LYS D 222 -21.18 -1.56 -7.95
N LEU D 223 -21.36 -2.25 -6.83
CA LEU D 223 -21.24 -1.63 -5.51
C LEU D 223 -20.02 -1.97 -4.65
N SER D 224 -19.33 -0.93 -4.21
CA SER D 224 -18.16 -1.14 -3.37
C SER D 224 -18.47 -0.51 -1.99
N CYS D 225 -17.81 -1.00 -0.96
CA CYS D 225 -18.05 -0.48 0.38
C CYS D 225 -16.79 -0.34 1.20
N ILE D 226 -16.68 0.80 1.87
CA ILE D 226 -15.52 1.04 2.71
C ILE D 226 -16.06 1.07 4.13
N MET D 227 -15.41 0.34 5.04
CA MET D 227 -15.86 0.36 6.41
C MET D 227 -14.64 0.80 7.19
N TYR D 228 -14.83 1.80 8.06
CA TYR D 228 -13.76 2.33 8.88
C TYR D 228 -13.91 1.78 10.29
N GLN D 229 -12.88 1.06 10.74
CA GLN D 229 -12.88 0.46 12.08
C GLN D 229 -11.89 1.21 12.95
N ARG D 230 -12.35 1.75 14.07
CA ARG D 230 -11.47 2.51 14.96
C ARG D 230 -10.59 1.61 15.85
N SER D 231 -11.02 0.40 16.11
CA SER D 231 -10.25 -0.47 16.96
C SER D 231 -10.35 -1.87 16.40
N CYS D 232 -9.21 -2.50 16.17
CA CYS D 232 -9.20 -3.83 15.60
C CYS D 232 -8.41 -4.90 16.34
N ASP D 233 -9.10 -5.96 16.74
CA ASP D 233 -8.49 -7.09 17.43
C ASP D 233 -8.13 -7.97 16.24
N LEU D 234 -6.89 -7.88 15.77
CA LEU D 234 -6.46 -8.68 14.63
C LEU D 234 -6.61 -10.18 14.71
N GLY D 235 -6.17 -10.78 15.81
CA GLY D 235 -6.26 -12.21 15.98
C GLY D 235 -7.63 -12.83 16.10
N LEU D 236 -8.55 -12.16 16.78
CA LEU D 236 -9.90 -12.71 16.96
C LEU D 236 -11.06 -11.97 16.30
N GLY D 237 -11.10 -10.66 16.43
CA GLY D 237 -12.19 -9.91 15.84
C GLY D 237 -12.15 -9.63 14.35
N VAL D 238 -11.06 -9.06 13.85
CA VAL D 238 -10.98 -8.76 12.41
C VAL D 238 -11.43 -9.86 11.46
N PRO D 239 -11.04 -11.12 11.71
CA PRO D 239 -11.48 -12.16 10.77
C PRO D 239 -13.00 -12.15 10.59
N PHE D 240 -13.72 -11.98 11.69
CA PHE D 240 -15.19 -11.92 11.65
C PHE D 240 -15.64 -10.60 11.04
N ASN D 241 -14.90 -9.53 11.34
CA ASN D 241 -15.23 -8.20 10.84
C ASN D 241 -15.26 -8.17 9.32
N ILE D 242 -14.29 -8.83 8.70
CA ILE D 242 -14.21 -8.87 7.26
C ILE D 242 -15.44 -9.62 6.73
N ALA D 243 -15.78 -10.75 7.37
CA ALA D 243 -16.94 -11.51 6.90
C ALA D 243 -18.25 -10.72 7.03
N SER D 244 -18.52 -10.16 8.20
CA SER D 244 -19.74 -9.38 8.42
C SER D 244 -19.98 -8.33 7.37
N TYR D 245 -19.01 -7.42 7.21
CA TYR D 245 -19.17 -6.38 6.24
C TYR D 245 -19.14 -6.80 4.79
N SER D 246 -18.57 -7.97 4.52
CA SER D 246 -18.53 -8.44 3.14
C SER D 246 -19.97 -8.92 2.90
N ILE D 247 -20.55 -9.60 3.88
CA ILE D 247 -21.92 -10.09 3.75
C ILE D 247 -22.88 -8.89 3.59
N PHE D 248 -22.69 -7.86 4.41
CA PHE D 248 -23.52 -6.67 4.37
C PHE D 248 -23.49 -6.07 2.96
N THR D 249 -22.28 -6.00 2.42
CA THR D 249 -22.09 -5.44 1.08
C THR D 249 -22.93 -6.20 0.05
N HIS D 250 -22.92 -7.52 0.12
CA HIS D 250 -23.70 -8.34 -0.83
C HIS D 250 -25.20 -8.03 -0.65
N MET D 251 -25.64 -7.97 0.61
CA MET D 251 -27.03 -7.69 0.90
C MET D 251 -27.48 -6.37 0.33
N ILE D 252 -26.76 -5.29 0.65
CA ILE D 252 -27.12 -3.97 0.14
C ILE D 252 -27.10 -4.00 -1.39
N ALA D 253 -26.09 -4.67 -1.96
CA ALA D 253 -25.97 -4.76 -3.41
C ALA D 253 -27.15 -5.47 -4.07
N GLN D 254 -27.58 -6.58 -3.51
CA GLN D 254 -28.69 -7.29 -4.09
C GLN D 254 -30.03 -6.56 -4.00
N VAL D 255 -30.31 -5.88 -2.87
CA VAL D 255 -31.60 -5.17 -2.78
C VAL D 255 -31.67 -3.91 -3.62
N CYS D 256 -30.51 -3.54 -4.19
CA CYS D 256 -30.37 -2.37 -5.04
C CYS D 256 -30.08 -2.81 -6.47
N ASN D 257 -30.16 -4.12 -6.72
CA ASN D 257 -29.90 -4.71 -8.04
C ASN D 257 -28.54 -4.33 -8.63
N LEU D 258 -27.53 -4.36 -7.79
CA LEU D 258 -26.19 -4.03 -8.24
C LEU D 258 -25.40 -5.28 -7.92
N GLN D 259 -24.23 -5.42 -8.53
CA GLN D 259 -23.39 -6.57 -8.27
C GLN D 259 -22.33 -6.07 -7.28
N PRO D 260 -21.96 -6.91 -6.31
CA PRO D 260 -20.95 -6.47 -5.35
C PRO D 260 -19.59 -6.35 -5.99
N ALA D 261 -18.80 -5.37 -5.59
CA ALA D 261 -17.47 -5.19 -6.15
C ALA D 261 -16.45 -5.40 -5.03
N GLN D 262 -15.95 -4.31 -4.46
CA GLN D 262 -14.98 -4.46 -3.39
C GLN D 262 -15.43 -4.10 -1.99
N PHE D 263 -14.94 -4.86 -1.02
CA PHE D 263 -15.26 -4.56 0.36
C PHE D 263 -13.89 -3.99 0.71
N ILE D 264 -13.84 -2.76 1.21
CA ILE D 264 -12.57 -2.11 1.57
C ILE D 264 -12.58 -1.87 3.06
N HIS D 265 -11.64 -2.53 3.72
CA HIS D 265 -11.50 -2.43 5.16
C HIS D 265 -10.40 -1.50 5.60
N VAL D 266 -10.76 -0.44 6.34
CA VAL D 266 -9.81 0.54 6.85
C VAL D 266 -9.64 0.36 8.34
N LEU D 267 -8.44 0.01 8.77
CA LEU D 267 -8.18 -0.19 10.19
C LEU D 267 -7.48 1.02 10.81
N GLY D 268 -8.00 1.45 11.96
CA GLY D 268 -7.45 2.59 12.68
C GLY D 268 -6.44 2.00 13.64
N ASN D 269 -6.85 1.81 14.90
CA ASN D 269 -5.93 1.23 15.89
C ASN D 269 -5.97 -0.27 15.68
N ALA D 270 -4.98 -0.78 14.97
CA ALA D 270 -4.87 -2.21 14.69
C ALA D 270 -3.95 -2.87 15.70
N HIS D 271 -4.46 -3.81 16.50
CA HIS D 271 -3.61 -4.45 17.47
C HIS D 271 -3.72 -5.96 17.54
N VAL D 272 -2.68 -6.57 18.10
CA VAL D 272 -2.58 -8.00 18.28
C VAL D 272 -2.32 -8.21 19.78
N TYR D 273 -3.18 -8.98 20.43
CA TYR D 273 -3.00 -9.22 21.85
C TYR D 273 -1.79 -10.13 22.02
N ASN D 274 -0.98 -9.86 23.03
CA ASN D 274 0.19 -10.69 23.26
C ASN D 274 -0.14 -12.16 23.39
N ASN D 275 -1.28 -12.46 23.97
CA ASN D 275 -1.72 -13.84 24.16
C ASN D 275 -2.04 -14.58 22.87
N HIS D 276 -2.20 -13.86 21.76
CA HIS D 276 -2.52 -14.48 20.48
C HIS D 276 -1.31 -14.81 19.65
N ILE D 277 -0.21 -14.18 19.95
CA ILE D 277 1.03 -14.38 19.21
C ILE D 277 1.43 -15.81 18.87
N ASP D 278 1.41 -16.73 19.83
CA ASP D 278 1.79 -18.10 19.48
C ASP D 278 0.83 -18.67 18.45
N SER D 279 -0.47 -18.49 18.65
CA SER D 279 -1.46 -18.99 17.71
C SER D 279 -1.29 -18.35 16.31
N LEU D 280 -1.10 -17.04 16.29
CA LEU D 280 -0.92 -16.33 15.03
C LEU D 280 0.34 -16.77 14.27
N LYS D 281 1.39 -17.17 14.99
CA LYS D 281 2.63 -17.61 14.35
C LYS D 281 2.32 -18.91 13.61
N ILE D 282 1.55 -19.77 14.28
CA ILE D 282 1.14 -21.03 13.70
C ILE D 282 0.30 -20.72 12.48
N GLN D 283 -0.65 -19.80 12.62
CA GLN D 283 -1.51 -19.47 11.49
C GLN D 283 -0.74 -18.92 10.29
N LEU D 284 0.26 -18.08 10.57
CA LEU D 284 1.08 -17.47 9.52
C LEU D 284 1.81 -18.49 8.64
N ASN D 285 2.06 -19.67 9.18
CA ASN D 285 2.75 -20.74 8.45
C ASN D 285 1.85 -21.66 7.66
N ARG D 286 0.55 -21.37 7.67
CA ARG D 286 -0.39 -22.20 6.94
C ARG D 286 -0.63 -21.56 5.61
N ILE D 287 -0.76 -22.37 4.57
CA ILE D 287 -0.99 -21.82 3.26
C ILE D 287 -2.49 -21.78 2.98
N PRO D 288 -2.97 -20.59 2.61
CA PRO D 288 -4.41 -20.43 2.33
C PRO D 288 -4.93 -21.32 1.19
N TYR D 289 -6.18 -21.72 1.33
CA TYR D 289 -6.85 -22.55 0.34
C TYR D 289 -7.66 -21.54 -0.45
N PRO D 290 -8.14 -21.94 -1.64
CA PRO D 290 -8.94 -21.00 -2.42
C PRO D 290 -10.19 -20.62 -1.63
N PHE D 291 -10.55 -19.36 -1.65
CA PHE D 291 -11.73 -18.92 -0.92
C PHE D 291 -13.04 -19.59 -1.34
N PRO D 292 -14.05 -19.50 -0.48
CA PRO D 292 -15.35 -20.10 -0.80
C PRO D 292 -16.17 -18.98 -1.44
N THR D 293 -17.46 -19.21 -1.67
CA THR D 293 -18.32 -18.19 -2.28
C THR D 293 -19.52 -18.03 -1.37
N LEU D 294 -20.26 -16.95 -1.54
CA LEU D 294 -21.42 -16.71 -0.71
C LEU D 294 -22.65 -16.67 -1.60
N LYS D 295 -23.70 -17.39 -1.22
CA LYS D 295 -24.89 -17.38 -2.05
C LYS D 295 -26.08 -16.84 -1.25
N LEU D 296 -26.70 -15.80 -1.76
CA LEU D 296 -27.84 -15.23 -1.09
C LEU D 296 -29.09 -15.68 -1.84
N ASN D 297 -30.18 -15.86 -1.11
CA ASN D 297 -31.44 -16.27 -1.70
C ASN D 297 -31.73 -15.09 -2.65
N PRO D 298 -31.75 -15.33 -3.96
CA PRO D 298 -32.01 -14.25 -4.91
C PRO D 298 -33.36 -13.55 -4.87
N ASP D 299 -34.35 -14.15 -4.21
CA ASP D 299 -35.69 -13.55 -4.13
C ASP D 299 -35.77 -12.39 -3.16
N ILE D 300 -34.84 -12.30 -2.20
CA ILE D 300 -34.90 -11.20 -1.24
C ILE D 300 -34.50 -9.89 -1.87
N LYS D 301 -35.47 -9.00 -1.98
CA LYS D 301 -35.24 -7.69 -2.57
C LYS D 301 -35.42 -6.51 -1.60
N ASN D 302 -35.63 -6.81 -0.32
CA ASN D 302 -35.79 -5.75 0.65
C ASN D 302 -34.82 -6.04 1.79
N ILE D 303 -33.97 -5.07 2.11
CA ILE D 303 -32.99 -5.23 3.16
C ILE D 303 -33.53 -5.82 4.44
N GLU D 304 -34.81 -5.60 4.71
CA GLU D 304 -35.42 -6.12 5.93
C GLU D 304 -36.01 -7.54 5.86
N ASP D 305 -36.03 -8.12 4.67
CA ASP D 305 -36.59 -9.46 4.52
C ASP D 305 -35.65 -10.65 4.60
N PHE D 306 -34.38 -10.39 4.92
CA PHE D 306 -33.43 -11.48 5.03
C PHE D 306 -33.64 -12.30 6.31
N THR D 307 -33.45 -13.62 6.22
CA THR D 307 -33.59 -14.51 7.37
C THR D 307 -32.36 -15.41 7.32
N ILE D 308 -31.95 -15.93 8.47
CA ILE D 308 -30.78 -16.79 8.52
C ILE D 308 -30.68 -17.85 7.40
N SER D 309 -31.80 -18.44 6.99
CA SER D 309 -31.77 -19.46 5.93
C SER D 309 -31.47 -18.92 4.52
N ASP D 310 -31.42 -17.60 4.36
CA ASP D 310 -31.15 -17.00 3.06
C ASP D 310 -29.66 -16.90 2.74
N PHE D 311 -28.81 -17.26 3.70
CA PHE D 311 -27.37 -17.18 3.50
C PHE D 311 -26.72 -18.55 3.41
N THR D 312 -25.86 -18.72 2.40
CA THR D 312 -25.17 -19.99 2.22
C THR D 312 -23.72 -19.84 1.77
N ILE D 313 -22.82 -20.43 2.55
CA ILE D 313 -21.39 -20.37 2.25
C ILE D 313 -21.08 -21.63 1.46
N GLN D 314 -20.53 -21.50 0.27
CA GLN D 314 -20.23 -22.68 -0.52
C GLN D 314 -18.75 -22.92 -0.77
N ASN D 315 -18.38 -24.21 -0.71
CA ASN D 315 -17.02 -24.69 -0.92
C ASN D 315 -15.97 -24.11 0.04
N TYR D 316 -16.33 -24.08 1.32
CA TYR D 316 -15.41 -23.57 2.30
C TYR D 316 -14.40 -24.64 2.67
N VAL D 317 -13.16 -24.46 2.23
CA VAL D 317 -12.06 -25.39 2.51
C VAL D 317 -11.14 -24.65 3.47
N HIS D 318 -10.86 -25.23 4.63
CA HIS D 318 -10.02 -24.57 5.61
C HIS D 318 -9.12 -25.46 6.45
N HIS D 319 -8.15 -24.83 7.10
CA HIS D 319 -7.19 -25.51 7.98
C HIS D 319 -7.96 -25.70 9.28
N GLU D 320 -7.45 -26.54 10.19
CA GLU D 320 -8.18 -26.75 11.44
C GLU D 320 -8.23 -25.54 12.33
N LYS D 321 -9.27 -25.49 13.15
CA LYS D 321 -9.45 -24.39 14.07
C LYS D 321 -8.27 -24.22 14.98
N ILE D 322 -8.05 -22.98 15.41
CA ILE D 322 -6.96 -22.62 16.30
C ILE D 322 -7.63 -21.78 17.35
N SER D 323 -7.21 -21.89 18.60
CA SER D 323 -7.85 -21.05 19.60
C SER D 323 -6.72 -20.02 19.78
N MET D 324 -7.01 -18.76 19.48
CA MET D 324 -6.03 -17.69 19.59
C MET D 324 -5.38 -17.68 20.97
N ASP D 325 -6.19 -17.86 22.01
CA ASP D 325 -5.71 -17.88 23.37
C ASP D 325 -5.55 -19.36 23.68
N MET D 326 -4.32 -19.84 23.80
CA MET D 326 -4.12 -21.26 24.09
C MET D 326 -4.23 -21.59 25.57
N ALA D 327 -4.76 -20.65 26.36
CA ALA D 327 -4.94 -20.81 27.81
C ALA D 327 -5.95 -21.87 28.33
N ALA D 328 -7.13 -21.96 27.67
CA ALA D 328 -8.23 -22.90 27.97
C ALA D 328 -9.44 -22.14 28.38
#